data_3L9V
#
_entry.id   3L9V
#
_cell.length_a   185.445
_cell.length_b   80.441
_cell.length_c   104.953
_cell.angle_alpha   90.00
_cell.angle_beta   124.42
_cell.angle_gamma   90.00
#
_symmetry.space_group_name_H-M   'C 1 2 1'
#
loop_
_entity.id
_entity.type
_entity.pdbx_description
1 polymer 'Putative thiol-disulfide isomerase or thioredoxin'
2 non-polymer 3,6,9,12,15,18,21-HEPTAOXATRICOSANE-1,23-DIOL
3 non-polymer 'O-ACETALDEHYDYL-HEXAETHYLENE GLYCOL'
4 non-polymer 'HEXAETHYLENE GLYCOL'
5 water water
#
_entity_poly.entity_id   1
_entity_poly.type   'polypeptide(L)'
_entity_poly.pdbx_seq_one_letter_code
;SNAEWESITPPVVDAPAVVEFFSFYCPPCYAFSQT(MSE)GVDQAIRHVLPQGSR(MSE)VKYHVSLLGPLGHELTRAWA
LA(MSE)V(MSE)KETDVIEKAFFTAG(MSE)VEKRLHSPDDVRRVF(MSE)SATGISRGEYDRSIKSPAVND(MSE)VA
LQERLFKEYGVRGTPSVYVRGRYHINNAAFGAFSVENFRSRYAAVVRKLLAGNPDAD
;
_entity_poly.pdbx_strand_id   A,B,C,D,E
#
# COMPACT_ATOMS: atom_id res chain seq x y z
N ALA A 3 27.05 -32.97 25.52
CA ALA A 3 27.34 -31.55 25.47
C ALA A 3 28.30 -31.17 24.34
N GLU A 4 27.85 -31.18 23.09
CA GLU A 4 28.80 -31.02 21.96
C GLU A 4 28.50 -29.96 20.89
N TRP A 5 29.59 -29.49 20.28
CA TRP A 5 29.61 -28.28 19.46
C TRP A 5 30.95 -28.28 18.74
N GLU A 6 31.03 -27.53 17.65
CA GLU A 6 32.26 -27.44 16.87
C GLU A 6 32.44 -25.97 16.50
N SER A 7 33.69 -25.52 16.51
CA SER A 7 34.03 -24.18 16.05
C SER A 7 33.78 -24.13 14.57
N ILE A 8 33.16 -23.07 14.09
CA ILE A 8 33.09 -22.89 12.65
C ILE A 8 34.28 -22.07 12.14
N THR A 9 34.68 -22.35 10.91
CA THR A 9 35.76 -21.61 10.28
C THR A 9 35.35 -21.26 8.86
N PRO A 10 35.40 -19.96 8.52
CA PRO A 10 35.86 -18.92 9.43
C PRO A 10 34.70 -18.47 10.30
N PRO A 11 34.98 -17.84 11.44
CA PRO A 11 33.95 -17.26 12.32
C PRO A 11 33.17 -16.17 11.60
N VAL A 12 32.00 -15.82 12.12
CA VAL A 12 31.22 -14.71 11.59
C VAL A 12 31.40 -13.54 12.51
N VAL A 13 31.86 -12.41 11.98
CA VAL A 13 32.03 -11.22 12.85
C VAL A 13 30.73 -10.44 12.99
N ASP A 14 30.54 -9.84 14.16
CA ASP A 14 29.32 -9.11 14.46
C ASP A 14 28.09 -10.00 14.40
N ALA A 15 28.24 -11.26 14.81
CA ALA A 15 27.10 -12.19 14.84
C ALA A 15 26.20 -11.91 16.02
N PRO A 16 24.89 -12.06 15.82
CA PRO A 16 24.01 -12.07 16.98
C PRO A 16 24.52 -13.12 17.99
N ALA A 17 24.20 -12.99 19.27
CA ALA A 17 24.70 -13.95 20.27
C ALA A 17 24.29 -15.37 19.95
N VAL A 18 23.04 -15.53 19.52
CA VAL A 18 22.57 -16.82 19.02
C VAL A 18 21.89 -16.63 17.68
N VAL A 19 22.24 -17.49 16.74
CA VAL A 19 21.59 -17.54 15.45
C VAL A 19 21.08 -18.95 15.22
N GLU A 20 19.84 -19.08 14.78
CA GLU A 20 19.31 -20.39 14.39
C GLU A 20 18.77 -20.41 12.94
N PHE A 21 19.38 -21.22 12.09
CA PHE A 21 18.84 -21.45 10.76
C PHE A 21 17.82 -22.57 10.87
N PHE A 22 16.64 -22.35 10.29
CA PHE A 22 15.52 -23.28 10.45
C PHE A 22 14.71 -23.30 9.17
N SER A 23 13.78 -24.26 9.07
CA SER A 23 12.85 -24.31 7.96
C SER A 23 11.45 -24.68 8.46
N PHE A 24 10.41 -24.12 7.88
CA PHE A 24 9.04 -24.54 8.25
C PHE A 24 8.70 -26.00 7.87
N TYR A 25 9.58 -26.62 7.10
CA TYR A 25 9.44 -28.01 6.70
C TYR A 25 10.20 -29.00 7.60
N CYS A 26 11.01 -28.47 8.51
N CYS A 26 10.98 -28.47 8.53
CA CYS A 26 11.91 -29.30 9.29
CA CYS A 26 11.90 -29.25 9.35
C CYS A 26 11.28 -29.69 10.63
C CYS A 26 11.27 -29.69 10.66
N PRO A 27 10.98 -30.98 10.81
CA PRO A 27 10.31 -31.45 12.04
C PRO A 27 11.04 -31.08 13.35
N PRO A 28 12.36 -31.30 13.42
CA PRO A 28 13.05 -30.91 14.66
C PRO A 28 12.97 -29.40 14.91
N CYS A 29 12.93 -28.59 13.84
N CYS A 29 12.92 -28.58 13.86
CA CYS A 29 12.74 -27.14 14.00
CA CYS A 29 12.73 -27.14 14.03
C CYS A 29 11.38 -26.84 14.59
C CYS A 29 11.37 -26.85 14.63
N TYR A 30 10.35 -27.53 14.09
CA TYR A 30 9.01 -27.42 14.67
C TYR A 30 9.08 -27.73 16.15
N ALA A 31 9.73 -28.85 16.48
CA ALA A 31 9.87 -29.25 17.88
C ALA A 31 10.61 -28.18 18.71
N PHE A 32 11.74 -27.68 18.21
CA PHE A 32 12.49 -26.68 19.01
C PHE A 32 11.63 -25.44 19.30
N SER A 33 10.90 -24.99 18.29
CA SER A 33 10.19 -23.71 18.37
C SER A 33 8.87 -23.86 19.12
N GLN A 34 8.13 -24.90 18.79
CA GLN A 34 6.71 -24.96 19.14
C GLN A 34 6.29 -25.99 20.21
N THR A 35 6.99 -27.12 20.31
CA THR A 35 6.55 -28.21 21.19
CA THR A 35 6.53 -28.16 21.24
C THR A 35 7.49 -28.49 22.37
N GLY A 37 10.00 -26.29 23.60
CA GLY A 37 10.47 -25.10 24.30
C GLY A 37 11.98 -24.92 24.33
N VAL A 38 12.68 -25.48 23.33
CA VAL A 38 14.13 -25.32 23.24
C VAL A 38 14.50 -23.88 22.86
N ASP A 39 13.85 -23.31 21.84
CA ASP A 39 14.07 -21.90 21.51
C ASP A 39 13.88 -21.01 22.75
N GLN A 40 12.81 -21.25 23.48
CA GLN A 40 12.50 -20.44 24.66
C GLN A 40 13.56 -20.63 25.75
N ALA A 41 13.96 -21.87 26.00
CA ALA A 41 15.02 -22.14 26.99
C ALA A 41 16.33 -21.43 26.61
N ILE A 42 16.60 -21.36 25.31
CA ILE A 42 17.78 -20.64 24.83
C ILE A 42 17.62 -19.13 25.06
N ARG A 43 16.46 -18.56 24.75
CA ARG A 43 16.26 -17.14 24.98
C ARG A 43 16.43 -16.84 26.47
N HIS A 44 16.03 -17.80 27.28
CA HIS A 44 16.13 -17.65 28.72
C HIS A 44 17.57 -17.55 29.25
N VAL A 45 18.56 -17.99 28.48
CA VAL A 45 19.92 -17.87 28.99
C VAL A 45 20.70 -16.79 28.25
N LEU A 46 20.01 -16.01 27.42
CA LEU A 46 20.69 -14.92 26.72
C LEU A 46 21.19 -13.90 27.72
N PRO A 47 22.48 -13.56 27.66
CA PRO A 47 22.97 -12.47 28.52
C PRO A 47 22.24 -11.18 28.23
N GLN A 48 22.29 -10.23 29.15
CA GLN A 48 21.65 -8.93 28.92
C GLN A 48 22.25 -8.27 27.68
N GLY A 49 21.38 -7.75 26.82
CA GLY A 49 21.82 -7.09 25.61
C GLY A 49 21.94 -8.00 24.40
N SER A 50 22.23 -9.29 24.62
CA SER A 50 22.39 -10.27 23.54
C SER A 50 21.04 -10.63 22.89
N ARG A 51 21.09 -11.12 21.65
N ARG A 51 21.08 -11.11 21.65
CA ARG A 51 19.86 -11.48 20.96
CA ARG A 51 19.83 -11.51 21.03
C ARG A 51 19.95 -12.85 20.27
C ARG A 51 19.93 -12.81 20.24
N VAL A 53 18.49 -14.57 16.87
N VAL A 53 18.49 -14.49 16.85
CA VAL A 53 17.87 -14.28 15.59
CA VAL A 53 17.72 -14.28 15.64
C VAL A 53 17.70 -15.58 14.79
C VAL A 53 17.68 -15.56 14.81
N LYS A 54 16.57 -15.71 14.09
CA LYS A 54 16.31 -16.88 13.27
C LYS A 54 16.23 -16.54 11.81
N TYR A 55 16.86 -17.39 11.03
CA TYR A 55 16.88 -17.23 9.61
C TYR A 55 16.32 -18.47 8.97
N HIS A 56 15.48 -18.27 7.96
CA HIS A 56 14.86 -19.36 7.21
C HIS A 56 15.73 -19.83 6.05
N VAL A 57 15.70 -21.12 5.78
CA VAL A 57 16.51 -21.69 4.72
C VAL A 57 15.58 -22.16 3.60
N SER A 58 16.04 -21.97 2.37
CA SER A 58 15.20 -22.10 1.19
C SER A 58 15.32 -23.47 0.58
N LEU A 59 16.41 -24.19 0.90
CA LEU A 59 16.71 -25.40 0.16
C LEU A 59 15.68 -26.50 0.33
N LEU A 60 14.95 -26.48 1.44
CA LEU A 60 14.08 -27.59 1.78
C LEU A 60 12.64 -27.32 1.34
N GLY A 61 12.00 -28.34 0.76
CA GLY A 61 10.59 -28.30 0.41
C GLY A 61 10.21 -27.49 -0.81
N PRO A 62 9.00 -27.72 -1.32
CA PRO A 62 8.47 -27.03 -2.51
C PRO A 62 8.41 -25.51 -2.35
N LEU A 63 7.99 -25.03 -1.19
CA LEU A 63 7.81 -23.59 -0.99
C LEU A 63 9.04 -22.93 -0.36
N GLY A 64 10.16 -23.64 -0.36
CA GLY A 64 11.37 -23.18 0.33
C GLY A 64 11.63 -21.69 0.16
N HIS A 65 11.63 -21.23 -1.07
CA HIS A 65 12.05 -19.86 -1.34
C HIS A 65 10.98 -18.87 -0.98
N GLU A 66 9.72 -19.29 -1.13
CA GLU A 66 8.58 -18.42 -0.81
C GLU A 66 8.48 -18.18 0.70
N LEU A 67 8.70 -19.23 1.48
CA LEU A 67 8.75 -19.09 2.93
C LEU A 67 9.90 -18.17 3.37
N THR A 68 11.10 -18.37 2.81
CA THR A 68 12.24 -17.50 3.13
C THR A 68 11.91 -16.01 2.89
N ARG A 69 11.24 -15.72 1.80
CA ARG A 69 10.86 -14.34 1.48
C ARG A 69 9.77 -13.89 2.42
N ALA A 70 8.83 -14.79 2.75
CA ALA A 70 7.78 -14.46 3.70
C ALA A 70 8.39 -14.15 5.06
N TRP A 71 9.39 -14.95 5.45
CA TRP A 71 10.10 -14.70 6.70
C TRP A 71 10.90 -13.38 6.66
N ALA A 72 11.53 -13.12 5.54
CA ALA A 72 12.21 -11.84 5.33
C ALA A 72 11.21 -10.70 5.61
N LEU A 73 9.96 -10.89 5.18
CA LEU A 73 8.96 -9.84 5.34
C LEU A 73 8.61 -9.70 6.82
N ALA A 74 8.33 -10.84 7.46
CA ALA A 74 8.18 -10.89 8.91
C ALA A 74 9.30 -10.15 9.66
N VAL A 76 11.45 -7.81 8.50
CA VAL A 76 11.32 -6.38 8.24
C VAL A 76 10.20 -5.75 9.09
N LYS A 78 8.93 -6.91 11.93
CA LYS A 78 9.01 -7.20 13.36
C LYS A 78 7.86 -8.05 13.81
N GLU A 79 7.49 -9.01 12.95
CA GLU A 79 6.36 -9.89 13.20
C GLU A 79 6.78 -11.36 13.23
N THR A 80 8.04 -11.63 13.51
CA THR A 80 8.49 -13.04 13.50
C THR A 80 7.74 -13.91 14.51
N ASP A 81 7.47 -13.39 15.70
CA ASP A 81 6.73 -14.16 16.69
C ASP A 81 5.40 -14.74 16.17
N VAL A 82 4.48 -13.90 15.68
CA VAL A 82 3.21 -14.42 15.18
C VAL A 82 3.38 -15.23 13.91
N ILE A 83 4.32 -14.81 13.07
CA ILE A 83 4.52 -15.51 11.80
C ILE A 83 5.06 -16.93 12.05
N GLU A 84 5.92 -17.09 13.05
CA GLU A 84 6.57 -18.39 13.26
C GLU A 84 5.51 -19.41 13.70
N LYS A 85 4.71 -19.01 14.67
CA LYS A 85 3.60 -19.80 15.18
C LYS A 85 2.63 -20.11 14.05
N ALA A 86 2.31 -19.10 13.24
CA ALA A 86 1.34 -19.30 12.14
C ALA A 86 1.79 -20.31 11.08
N PHE A 87 3.05 -20.23 10.64
CA PHE A 87 3.53 -21.12 9.59
C PHE A 87 3.80 -22.56 10.06
N PHE A 88 4.17 -22.74 11.33
CA PHE A 88 4.33 -24.08 11.85
C PHE A 88 2.96 -24.75 12.03
N THR A 89 1.98 -23.99 12.52
CA THR A 89 0.62 -24.48 12.59
C THR A 89 0.12 -24.86 11.21
N ALA A 90 0.27 -23.93 10.26
CA ALA A 90 -0.25 -24.16 8.91
C ALA A 90 0.37 -25.37 8.26
N GLY A 91 1.67 -25.57 8.46
CA GLY A 91 2.32 -26.69 7.81
C GLY A 91 2.23 -27.97 8.63
N VAL A 93 1.04 -28.76 11.63
CA VAL A 93 -0.19 -29.13 12.31
C VAL A 93 -1.35 -29.37 11.33
N GLU A 94 -1.71 -28.32 10.58
CA GLU A 94 -2.89 -28.35 9.74
C GLU A 94 -2.68 -28.89 8.32
N LYS A 95 -1.43 -29.01 7.90
CA LYS A 95 -1.11 -29.57 6.59
C LYS A 95 -1.78 -28.79 5.46
N ARG A 96 -1.81 -27.46 5.57
CA ARG A 96 -2.36 -26.65 4.51
C ARG A 96 -1.39 -25.54 4.13
N LEU A 97 -0.19 -25.95 3.71
CA LEU A 97 0.78 -25.07 3.10
C LEU A 97 1.30 -25.72 1.84
N HIS A 98 0.55 -25.59 0.74
CA HIS A 98 0.93 -26.27 -0.50
C HIS A 98 1.36 -25.31 -1.61
N SER A 99 0.81 -24.10 -1.62
CA SER A 99 1.01 -23.20 -2.74
C SER A 99 1.43 -21.80 -2.29
N PRO A 100 1.97 -21.00 -3.21
CA PRO A 100 2.35 -19.65 -2.86
C PRO A 100 1.18 -18.85 -2.32
N ASP A 101 -0.04 -19.06 -2.82
CA ASP A 101 -1.21 -18.37 -2.25
C ASP A 101 -1.43 -18.75 -0.79
N ASP A 102 -1.17 -20.00 -0.43
CA ASP A 102 -1.29 -20.40 0.95
C ASP A 102 -0.37 -19.54 1.83
N VAL A 103 0.88 -19.37 1.38
CA VAL A 103 1.88 -18.61 2.15
C VAL A 103 1.36 -17.21 2.48
N ARG A 104 0.90 -16.50 1.45
CA ARG A 104 0.36 -15.15 1.63
C ARG A 104 -0.87 -15.14 2.52
N ARG A 105 -1.74 -16.12 2.33
CA ARG A 105 -2.96 -16.22 3.12
C ARG A 105 -2.64 -16.38 4.60
N VAL A 106 -1.74 -17.29 4.94
CA VAL A 106 -1.37 -17.47 6.34
C VAL A 106 -0.69 -16.20 6.89
N PHE A 107 0.13 -15.52 6.08
CA PHE A 107 0.85 -14.35 6.58
C PHE A 107 -0.18 -13.26 6.91
N SER A 109 -3.39 -13.56 7.56
CA SER A 109 -4.23 -13.93 8.69
C SER A 109 -3.52 -13.73 10.03
N ALA A 110 -2.22 -13.95 10.06
CA ALA A 110 -1.49 -13.84 11.31
C ALA A 110 -1.21 -12.37 11.66
N THR A 111 -1.06 -11.55 10.63
CA THR A 111 -0.65 -10.18 10.91
C THR A 111 -1.73 -9.10 10.71
N GLY A 112 -2.74 -9.42 9.91
CA GLY A 112 -3.79 -8.46 9.59
C GLY A 112 -3.38 -7.56 8.45
N ILE A 113 -2.22 -7.83 7.82
CA ILE A 113 -1.79 -7.00 6.69
C ILE A 113 -2.80 -7.22 5.56
N SER A 114 -3.01 -6.20 4.73
CA SER A 114 -3.97 -6.33 3.65
C SER A 114 -3.33 -7.00 2.45
N ARG A 115 -4.18 -7.56 1.60
CA ARG A 115 -3.75 -8.14 0.34
C ARG A 115 -2.85 -7.21 -0.46
N GLY A 116 -3.28 -5.97 -0.65
CA GLY A 116 -2.53 -5.00 -1.43
C GLY A 116 -1.19 -4.63 -0.80
N GLU A 117 -1.14 -4.54 0.52
CA GLU A 117 0.12 -4.23 1.19
C GLU A 117 1.07 -5.43 1.14
N TYR A 118 0.53 -6.63 1.30
CA TYR A 118 1.39 -7.82 1.18
C TYR A 118 2.05 -7.85 -0.19
N ASP A 119 1.23 -7.71 -1.24
CA ASP A 119 1.72 -7.82 -2.62
C ASP A 119 2.79 -6.77 -2.92
N ARG A 120 2.63 -5.56 -2.38
CA ARG A 120 3.63 -4.52 -2.61
C ARG A 120 4.86 -4.75 -1.74
N SER A 121 4.63 -5.25 -0.54
CA SER A 121 5.70 -5.35 0.43
C SER A 121 6.59 -6.55 0.18
N ILE A 122 5.98 -7.67 -0.20
CA ILE A 122 6.69 -8.95 -0.33
C ILE A 122 7.86 -8.82 -1.29
N LYS A 123 7.77 -7.84 -2.19
CA LYS A 123 8.80 -7.64 -3.21
C LYS A 123 9.53 -6.29 -3.06
N SER A 124 9.34 -5.65 -1.92
CA SER A 124 9.99 -4.39 -1.59
C SER A 124 11.51 -4.55 -1.52
N PRO A 125 12.26 -3.47 -1.79
CA PRO A 125 13.72 -3.49 -1.64
C PRO A 125 14.15 -4.01 -0.26
N ALA A 126 13.48 -3.55 0.80
CA ALA A 126 13.84 -3.98 2.15
C ALA A 126 13.68 -5.50 2.36
N VAL A 127 12.67 -6.09 1.74
CA VAL A 127 12.48 -7.54 1.81
C VAL A 127 13.49 -8.22 0.91
N ASN A 128 13.73 -7.64 -0.26
CA ASN A 128 14.75 -8.14 -1.15
C ASN A 128 16.09 -8.24 -0.41
N ASP A 129 16.41 -7.19 0.36
CA ASP A 129 17.65 -7.13 1.11
C ASP A 129 17.68 -8.26 2.15
N VAL A 131 16.06 -11.13 2.19
CA VAL A 131 16.23 -12.40 1.50
C VAL A 131 17.71 -12.57 1.16
N ALA A 132 18.32 -11.50 0.64
CA ALA A 132 19.74 -11.55 0.33
C ALA A 132 20.52 -11.92 1.58
N LEU A 133 20.21 -11.25 2.69
CA LEU A 133 20.95 -11.51 3.92
C LEU A 133 20.83 -12.99 4.34
N GLN A 134 19.63 -13.56 4.28
CA GLN A 134 19.44 -14.95 4.72
C GLN A 134 20.25 -15.91 3.89
N GLU A 135 20.27 -15.66 2.59
CA GLU A 135 21.00 -16.54 1.68
C GLU A 135 22.51 -16.32 1.82
N ARG A 136 22.91 -15.07 2.08
CA ARG A 136 24.32 -14.76 2.29
C ARG A 136 24.83 -15.47 3.56
N LEU A 137 24.09 -15.32 4.65
CA LEU A 137 24.52 -15.88 5.91
C LEU A 137 24.50 -17.42 5.90
N PHE A 138 23.65 -18.00 5.05
CA PHE A 138 23.61 -19.46 4.92
C PHE A 138 25.00 -19.89 4.48
N LYS A 139 25.59 -19.14 3.57
CA LYS A 139 26.90 -19.51 3.05
C LYS A 139 28.04 -19.19 4.01
N GLU A 140 27.94 -18.07 4.73
CA GLU A 140 29.01 -17.64 5.65
C GLU A 140 29.12 -18.53 6.87
N TYR A 141 27.98 -19.00 7.38
CA TYR A 141 27.94 -19.86 8.54
C TYR A 141 28.24 -21.30 8.17
N GLY A 142 28.31 -21.58 6.87
CA GLY A 142 28.57 -22.92 6.39
C GLY A 142 27.42 -23.88 6.72
N VAL A 143 26.19 -23.40 6.59
CA VAL A 143 25.03 -24.21 7.01
C VAL A 143 24.86 -25.47 6.20
N ARG A 144 24.55 -26.57 6.85
CA ARG A 144 24.41 -27.86 6.16
C ARG A 144 23.03 -28.49 6.33
N GLY A 145 22.22 -27.91 7.19
CA GLY A 145 20.90 -28.45 7.47
C GLY A 145 20.21 -27.67 8.57
N THR A 146 19.10 -28.20 9.03
CA THR A 146 18.29 -27.49 10.02
C THR A 146 17.80 -28.45 11.09
N PRO A 147 17.53 -27.92 12.29
CA PRO A 147 17.91 -26.58 12.74
C PRO A 147 19.44 -26.50 12.92
N SER A 148 20.05 -25.34 12.65
CA SER A 148 21.47 -25.18 12.91
C SER A 148 21.62 -23.98 13.79
N VAL A 149 22.01 -24.21 15.03
CA VAL A 149 22.18 -23.18 16.04
C VAL A 149 23.65 -22.79 16.17
N TYR A 150 23.94 -21.49 16.08
CA TYR A 150 25.32 -20.98 16.19
C TYR A 150 25.41 -19.96 17.31
N VAL A 151 26.46 -20.08 18.12
CA VAL A 151 26.63 -19.19 19.27
C VAL A 151 27.80 -18.23 18.98
N ARG A 152 27.57 -16.94 19.24
CA ARG A 152 28.54 -15.86 19.01
C ARG A 152 29.31 -15.92 17.69
N GLY A 153 28.66 -16.42 16.67
CA GLY A 153 29.29 -16.49 15.37
C GLY A 153 30.46 -17.44 15.29
N ARG A 154 30.68 -18.26 16.31
CA ARG A 154 31.81 -19.20 16.25
C ARG A 154 31.53 -20.67 16.56
N TYR A 155 30.48 -20.97 17.28
CA TYR A 155 30.22 -22.35 17.70
C TYR A 155 28.93 -22.87 17.08
N HIS A 156 29.02 -24.00 16.39
CA HIS A 156 27.86 -24.70 15.85
C HIS A 156 27.45 -25.82 16.80
N ILE A 157 26.24 -25.77 17.34
CA ILE A 157 25.80 -26.79 18.27
C ILE A 157 25.61 -28.10 17.49
N ASN A 158 26.06 -29.22 18.04
CA ASN A 158 25.85 -30.52 17.41
C ASN A 158 24.53 -31.15 17.88
N ASN A 159 23.44 -31.01 17.13
CA ASN A 159 22.15 -31.53 17.59
C ASN A 159 22.24 -33.03 17.92
N ALA A 160 23.11 -33.71 17.21
CA ALA A 160 23.10 -35.16 17.29
C ALA A 160 24.02 -35.67 18.41
N ALA A 161 24.46 -34.77 19.28
CA ALA A 161 25.37 -35.15 20.36
C ALA A 161 24.68 -35.11 21.73
N PHE A 162 23.36 -34.98 21.75
CA PHE A 162 22.63 -34.89 23.02
C PHE A 162 21.81 -36.15 23.25
N GLY A 163 21.69 -36.57 24.50
CA GLY A 163 20.90 -37.73 24.84
C GLY A 163 19.96 -37.41 26.00
N ALA A 164 18.76 -37.95 25.95
CA ALA A 164 17.81 -37.80 27.05
C ALA A 164 16.63 -38.75 26.85
N PHE A 165 16.01 -39.16 27.95
CA PHE A 165 14.78 -39.93 27.87
C PHE A 165 13.56 -39.03 27.91
N SER A 166 13.75 -37.75 28.17
CA SER A 166 12.63 -36.84 28.29
C SER A 166 12.86 -35.50 27.56
N VAL A 167 11.77 -34.87 27.17
CA VAL A 167 11.81 -33.57 26.54
C VAL A 167 12.51 -32.61 27.47
N GLU A 168 12.18 -32.73 28.75
CA GLU A 168 12.66 -31.82 29.79
C GLU A 168 14.19 -31.92 30.01
N ASN A 169 14.74 -33.13 30.02
CA ASN A 169 16.19 -33.27 30.10
C ASN A 169 16.88 -32.87 28.81
N PHE A 170 16.28 -33.25 27.67
CA PHE A 170 16.86 -32.86 26.39
C PHE A 170 16.95 -31.34 26.29
N ARG A 171 15.86 -30.66 26.57
CA ARG A 171 15.82 -29.20 26.52
C ARG A 171 16.84 -28.55 27.46
N SER A 172 16.90 -29.04 28.69
CA SER A 172 17.83 -28.49 29.68
C SER A 172 19.28 -28.68 29.27
N ARG A 173 19.59 -29.86 28.72
CA ARG A 173 20.98 -30.13 28.34
C ARG A 173 21.40 -29.31 27.14
N TYR A 174 20.50 -29.17 26.17
CA TYR A 174 20.79 -28.36 24.98
C TYR A 174 21.02 -26.90 25.38
N ALA A 175 20.13 -26.35 26.19
CA ALA A 175 20.27 -24.98 26.67
C ALA A 175 21.51 -24.78 27.55
N ALA A 176 21.87 -25.80 28.34
CA ALA A 176 23.02 -25.72 29.21
C ALA A 176 24.29 -25.50 28.40
N VAL A 177 24.39 -26.21 27.29
CA VAL A 177 25.53 -26.04 26.40
C VAL A 177 25.54 -24.66 25.73
N VAL A 178 24.40 -24.20 25.28
CA VAL A 178 24.34 -22.85 24.72
C VAL A 178 24.69 -21.79 25.74
N ARG A 179 24.13 -21.94 26.94
CA ARG A 179 24.46 -21.08 28.06
C ARG A 179 26.00 -21.03 28.30
N LYS A 180 26.61 -22.20 28.45
CA LYS A 180 28.07 -22.29 28.61
C LYS A 180 28.84 -21.48 27.55
N LEU A 181 28.44 -21.65 26.30
CA LEU A 181 29.12 -21.03 25.18
C LEU A 181 28.87 -19.52 25.10
N LEU A 182 27.81 -19.08 25.75
CA LEU A 182 27.54 -17.65 25.84
C LEU A 182 28.30 -17.00 26.98
N ALA A 183 28.94 -17.80 27.82
CA ALA A 183 29.61 -17.26 29.02
C ALA A 183 30.73 -16.27 28.66
N GLY A 184 30.96 -15.30 29.54
CA GLY A 184 32.03 -14.34 29.32
C GLY A 184 31.69 -13.00 29.93
N ALA B 3 -9.33 37.25 -27.22
CA ALA B 3 -8.71 36.21 -26.42
C ALA B 3 -7.24 36.00 -26.73
N GLU B 4 -6.40 35.99 -25.68
CA GLU B 4 -4.95 36.16 -25.82
C GLU B 4 -4.00 35.32 -24.90
N TRP B 5 -2.74 35.30 -25.29
CA TRP B 5 -1.74 34.37 -24.78
C TRP B 5 -0.35 34.94 -25.16
N GLU B 6 0.72 34.46 -24.54
CA GLU B 6 2.08 34.91 -24.84
C GLU B 6 2.98 33.66 -24.87
N SER B 7 3.90 33.60 -25.82
CA SER B 7 4.87 32.52 -25.87
C SER B 7 5.78 32.59 -24.66
N ILE B 8 6.18 31.43 -24.14
CA ILE B 8 7.18 31.43 -23.08
C ILE B 8 8.57 31.12 -23.60
N THR B 9 9.58 31.70 -22.96
CA THR B 9 10.95 31.48 -23.36
C THR B 9 11.82 31.26 -22.15
N PRO B 10 12.57 30.15 -22.15
CA PRO B 10 12.50 29.18 -23.24
C PRO B 10 11.28 28.30 -23.06
N PRO B 11 10.91 27.54 -24.08
CA PRO B 11 9.77 26.61 -24.02
C PRO B 11 10.15 25.37 -23.20
N VAL B 12 9.15 24.58 -22.85
CA VAL B 12 9.40 23.36 -22.11
C VAL B 12 9.29 22.19 -23.05
N VAL B 13 10.36 21.41 -23.18
CA VAL B 13 10.29 20.25 -24.09
C VAL B 13 9.55 19.11 -23.40
N ASP B 14 8.92 18.26 -24.19
CA ASP B 14 8.17 17.13 -23.63
C ASP B 14 7.08 17.56 -22.65
N ALA B 15 6.50 18.74 -22.85
CA ALA B 15 5.42 19.19 -21.98
C ALA B 15 4.15 18.42 -22.30
N PRO B 16 3.34 18.14 -21.29
CA PRO B 16 1.98 17.67 -21.55
C PRO B 16 1.21 18.70 -22.39
N ALA B 17 0.17 18.28 -23.10
CA ALA B 17 -0.51 19.19 -24.02
C ALA B 17 -1.01 20.45 -23.31
N VAL B 18 -1.62 20.23 -22.15
CA VAL B 18 -2.00 21.35 -21.31
C VAL B 18 -1.47 21.11 -19.90
N VAL B 19 -0.93 22.16 -19.31
CA VAL B 19 -0.50 22.15 -17.92
C VAL B 19 -1.12 23.34 -17.20
N GLU B 20 -1.66 23.10 -16.01
CA GLU B 20 -2.17 24.18 -15.19
C GLU B 20 -1.56 24.15 -13.79
N PHE B 21 -0.84 25.21 -13.45
CA PHE B 21 -0.39 25.45 -12.09
C PHE B 21 -1.53 26.13 -11.32
N PHE B 22 -1.80 25.61 -10.13
CA PHE B 22 -2.93 26.09 -9.35
C PHE B 22 -2.58 26.07 -7.88
N SER B 23 -3.45 26.67 -7.09
CA SER B 23 -3.35 26.59 -5.64
C SER B 23 -4.73 26.35 -5.03
N PHE B 24 -4.79 25.52 -3.99
CA PHE B 24 -6.04 25.36 -3.22
C PHE B 24 -6.51 26.63 -2.48
N TYR B 25 -5.62 27.63 -2.39
CA TYR B 25 -5.94 28.93 -1.83
C TYR B 25 -6.35 30.00 -2.86
N CYS B 26 -6.37 29.61 -4.14
N CYS B 26 -6.36 29.62 -4.14
CA CYS B 26 -6.56 30.53 -5.26
CA CYS B 26 -6.58 30.57 -5.21
C CYS B 26 -8.02 30.56 -5.76
C CYS B 26 -8.02 30.56 -5.72
N PRO B 27 -8.75 31.65 -5.49
CA PRO B 27 -10.17 31.74 -5.90
C PRO B 27 -10.48 31.44 -7.39
N PRO B 28 -9.77 32.10 -8.34
CA PRO B 28 -10.06 31.72 -9.73
C PRO B 28 -9.74 30.25 -10.03
N CYS B 29 -8.71 29.69 -9.40
N CYS B 29 -8.70 29.68 -9.42
CA CYS B 29 -8.41 28.26 -9.53
CA CYS B 29 -8.44 28.25 -9.56
C CYS B 29 -9.63 27.46 -9.09
C CYS B 29 -9.64 27.43 -9.09
N TYR B 30 -10.19 27.83 -7.95
CA TYR B 30 -11.41 27.20 -7.46
C TYR B 30 -12.51 27.35 -8.50
N ALA B 31 -12.66 28.54 -9.06
CA ALA B 31 -13.66 28.74 -10.11
C ALA B 31 -13.40 27.88 -11.35
N PHE B 32 -12.14 27.84 -11.82
CA PHE B 32 -11.85 27.04 -13.02
C PHE B 32 -12.18 25.57 -12.82
N SER B 33 -11.92 25.07 -11.62
CA SER B 33 -11.96 23.63 -11.39
C SER B 33 -13.35 23.19 -10.97
N GLN B 34 -13.95 23.91 -10.03
CA GLN B 34 -15.13 23.43 -9.33
C GLN B 34 -16.47 24.08 -9.71
N THR B 35 -16.44 25.37 -10.11
CA THR B 35 -17.70 26.10 -10.29
C THR B 35 -18.03 26.54 -11.72
N GLY B 37 -16.41 25.18 -14.65
CA GLY B 37 -16.15 24.13 -15.63
C GLY B 37 -15.15 24.54 -16.71
N VAL B 38 -14.24 25.44 -16.38
CA VAL B 38 -13.19 25.79 -17.33
C VAL B 38 -12.24 24.60 -17.50
N ASP B 39 -11.82 23.97 -16.42
CA ASP B 39 -10.93 22.79 -16.59
C ASP B 39 -11.57 21.70 -17.48
N GLN B 40 -12.86 21.46 -17.27
CA GLN B 40 -13.57 20.42 -18.00
C GLN B 40 -13.72 20.83 -19.46
N ALA B 41 -13.98 22.10 -19.71
CA ALA B 41 -14.07 22.57 -21.10
C ALA B 41 -12.73 22.42 -21.83
N ILE B 42 -11.64 22.66 -21.11
CA ILE B 42 -10.30 22.44 -21.69
C ILE B 42 -10.09 20.94 -21.98
N ARG B 43 -10.42 20.07 -21.02
CA ARG B 43 -10.21 18.64 -21.25
C ARG B 43 -11.02 18.20 -22.44
N HIS B 44 -12.18 18.82 -22.63
CA HIS B 44 -13.04 18.49 -23.73
C HIS B 44 -12.45 18.80 -25.12
N VAL B 45 -11.42 19.64 -25.19
CA VAL B 45 -10.85 19.96 -26.50
C VAL B 45 -9.45 19.38 -26.66
N LEU B 46 -8.99 18.61 -25.69
CA LEU B 46 -7.71 17.90 -25.85
C LEU B 46 -7.81 16.99 -27.06
N PRO B 47 -6.81 17.05 -27.96
CA PRO B 47 -6.73 16.09 -29.05
C PRO B 47 -6.62 14.67 -28.50
N GLN B 48 -6.89 13.68 -29.33
CA GLN B 48 -6.75 12.29 -28.90
C GLN B 48 -5.33 12.04 -28.42
N GLY B 49 -5.19 11.45 -27.24
CA GLY B 49 -3.88 11.12 -26.72
C GLY B 49 -3.12 12.26 -26.05
N SER B 50 -3.66 13.48 -26.13
CA SER B 50 -3.14 14.62 -25.36
C SER B 50 -3.64 14.55 -23.92
N ARG B 51 -2.90 15.15 -22.99
CA ARG B 51 -3.37 15.17 -21.61
C ARG B 51 -3.24 16.54 -20.96
N VAL B 53 -2.42 18.21 -17.29
CA VAL B 53 -1.82 17.92 -16.01
C VAL B 53 -1.83 19.14 -15.13
N LYS B 54 -2.13 18.96 -13.84
CA LYS B 54 -2.14 20.04 -12.86
C LYS B 54 -1.06 19.90 -11.83
N TYR B 55 -0.39 21.02 -11.59
CA TYR B 55 0.62 21.09 -10.57
C TYR B 55 0.27 22.16 -9.54
N HIS B 56 0.43 21.83 -8.26
CA HIS B 56 0.17 22.75 -7.15
C HIS B 56 1.37 23.67 -6.88
N VAL B 57 1.08 24.89 -6.46
CA VAL B 57 2.11 25.87 -6.16
C VAL B 57 2.19 26.09 -4.67
N SER B 58 3.41 26.17 -4.16
CA SER B 58 3.63 26.21 -2.72
C SER B 58 3.65 27.61 -2.14
N LEU B 59 3.91 28.61 -2.97
CA LEU B 59 4.16 29.95 -2.43
C LEU B 59 2.97 30.54 -1.72
N LEU B 60 1.78 30.08 -2.08
CA LEU B 60 0.56 30.73 -1.61
C LEU B 60 0.01 30.10 -0.32
N GLY B 61 -0.24 30.96 0.67
CA GLY B 61 -0.92 30.57 1.90
C GLY B 61 -0.06 29.82 2.92
N PRO B 62 -0.57 29.69 4.15
CA PRO B 62 0.19 29.08 5.24
C PRO B 62 0.53 27.63 4.94
N LEU B 63 -0.40 26.89 4.35
CA LEU B 63 -0.21 25.45 4.14
C LEU B 63 0.29 25.13 2.73
N GLY B 64 0.84 26.14 2.06
CA GLY B 64 1.29 26.00 0.69
C GLY B 64 2.14 24.76 0.39
N HIS B 65 3.14 24.50 1.22
CA HIS B 65 4.03 23.38 0.95
C HIS B 65 3.38 22.05 1.28
N GLU B 66 2.60 22.04 2.36
CA GLU B 66 1.92 20.84 2.79
C GLU B 66 0.93 20.36 1.72
N LEU B 67 0.25 21.30 1.07
CA LEU B 67 -0.72 20.99 0.03
C LEU B 67 0.00 20.51 -1.22
N THR B 68 1.10 21.19 -1.56
CA THR B 68 1.90 20.74 -2.67
C THR B 68 2.36 19.28 -2.47
N ARG B 69 2.76 18.93 -1.25
CA ARG B 69 3.19 17.54 -0.99
C ARG B 69 1.99 16.59 -0.97
N ALA B 70 0.86 17.05 -0.44
CA ALA B 70 -0.35 16.24 -0.50
C ALA B 70 -0.74 16.00 -1.94
N TRP B 71 -0.64 17.06 -2.77
CA TRP B 71 -0.95 16.92 -4.19
C TRP B 71 0.01 15.96 -4.90
N ALA B 72 1.29 16.07 -4.57
CA ALA B 72 2.27 15.13 -5.12
C ALA B 72 1.84 13.68 -4.80
N LEU B 73 1.29 13.46 -3.61
CA LEU B 73 0.92 12.11 -3.19
C LEU B 73 -0.29 11.65 -3.99
N ALA B 74 -1.27 12.55 -4.15
CA ALA B 74 -2.40 12.30 -5.05
C ALA B 74 -1.97 11.92 -6.48
N VAL B 76 1.03 10.64 -7.38
CA VAL B 76 1.61 9.30 -7.29
C VAL B 76 0.51 8.23 -7.25
N LYS B 78 -2.63 8.52 -8.30
CA LYS B 78 -3.62 8.62 -9.38
C LYS B 78 -4.96 8.94 -8.80
N GLU B 79 -4.96 9.78 -7.77
CA GLU B 79 -6.17 10.14 -7.06
C GLU B 79 -6.45 11.64 -7.19
N THR B 80 -5.92 12.28 -8.21
CA THR B 80 -6.09 13.74 -8.29
C THR B 80 -7.55 14.14 -8.40
N ASP B 81 -8.35 13.38 -9.14
CA ASP B 81 -9.78 13.73 -9.23
C ASP B 81 -10.43 13.90 -7.85
N VAL B 82 -10.36 12.88 -6.97
CA VAL B 82 -11.04 13.02 -5.67
C VAL B 82 -10.36 14.03 -4.76
N ILE B 83 -9.03 14.09 -4.81
CA ILE B 83 -8.29 14.97 -3.91
C ILE B 83 -8.58 16.44 -4.27
N GLU B 84 -8.65 16.76 -5.55
CA GLU B 84 -8.86 18.15 -5.96
C GLU B 84 -10.19 18.66 -5.44
N LYS B 85 -11.23 17.84 -5.63
CA LYS B 85 -12.56 18.19 -5.15
C LYS B 85 -12.59 18.29 -3.63
N ALA B 86 -11.95 17.34 -2.95
CA ALA B 86 -11.95 17.36 -1.48
C ALA B 86 -11.26 18.60 -0.91
N PHE B 87 -10.14 19.02 -1.50
CA PHE B 87 -9.41 20.14 -0.91
C PHE B 87 -10.04 21.49 -1.24
N PHE B 88 -10.67 21.61 -2.40
CA PHE B 88 -11.38 22.84 -2.71
C PHE B 88 -12.59 22.99 -1.82
N THR B 89 -13.29 21.87 -1.59
CA THR B 89 -14.40 21.86 -0.66
C THR B 89 -13.95 22.18 0.76
N ALA B 90 -12.88 21.52 1.19
CA ALA B 90 -12.38 21.70 2.54
C ALA B 90 -12.00 23.14 2.84
N GLY B 91 -11.41 23.81 1.85
CA GLY B 91 -10.93 25.16 2.10
C GLY B 91 -11.94 26.23 1.71
N VAL B 93 -14.99 26.10 0.44
CA VAL B 93 -16.39 25.97 0.83
C VAL B 93 -16.55 25.95 2.36
N GLU B 94 -15.85 25.03 3.00
CA GLU B 94 -16.06 24.78 4.43
C GLU B 94 -15.11 25.49 5.37
N LYS B 95 -14.07 26.12 4.82
CA LYS B 95 -13.12 26.88 5.64
C LYS B 95 -12.56 26.09 6.82
N ARG B 96 -12.15 24.85 6.59
CA ARG B 96 -11.60 24.03 7.63
C ARG B 96 -10.25 23.46 7.23
N LEU B 97 -9.48 24.24 6.49
CA LEU B 97 -8.13 23.85 6.12
C LEU B 97 -7.14 24.79 6.77
N HIS B 98 -6.82 24.55 8.04
CA HIS B 98 -5.98 25.48 8.78
C HIS B 98 -4.60 24.91 9.12
N SER B 99 -4.54 23.61 9.39
CA SER B 99 -3.31 22.99 9.89
C SER B 99 -2.89 21.76 9.10
N PRO B 100 -1.66 21.29 9.33
CA PRO B 100 -1.15 20.11 8.66
C PRO B 100 -2.01 18.89 8.95
N ASP B 101 -2.55 18.76 10.15
CA ASP B 101 -3.43 17.64 10.45
C ASP B 101 -4.69 17.70 9.59
N ASP B 102 -5.17 18.91 9.31
CA ASP B 102 -6.34 19.06 8.45
C ASP B 102 -6.07 18.43 7.09
N VAL B 103 -4.92 18.76 6.52
CA VAL B 103 -4.50 18.29 5.18
C VAL B 103 -4.58 16.76 5.11
N ARG B 104 -4.00 16.10 6.10
CA ARG B 104 -3.99 14.63 6.18
C ARG B 104 -5.41 14.06 6.33
N ARG B 105 -6.19 14.71 7.16
CA ARG B 105 -7.52 14.23 7.45
C ARG B 105 -8.40 14.28 6.22
N VAL B 106 -8.34 15.38 5.47
CA VAL B 106 -9.12 15.50 4.24
C VAL B 106 -8.61 14.51 3.18
N PHE B 107 -7.31 14.34 3.10
CA PHE B 107 -6.76 13.40 2.12
C PHE B 107 -7.26 11.99 2.43
N SER B 109 -9.89 11.11 4.20
CA SER B 109 -11.33 11.00 4.01
C SER B 109 -11.71 10.78 2.55
N ALA B 110 -10.98 11.43 1.65
CA ALA B 110 -11.28 11.39 0.21
C ALA B 110 -10.84 10.08 -0.45
N THR B 111 -9.74 9.52 0.04
CA THR B 111 -9.15 8.36 -0.61
C THR B 111 -9.40 7.02 0.13
N GLY B 112 -9.63 7.09 1.43
CA GLY B 112 -9.73 5.90 2.27
C GLY B 112 -8.37 5.37 2.70
N ILE B 113 -7.29 6.08 2.38
CA ILE B 113 -5.98 5.62 2.80
C ILE B 113 -5.92 5.65 4.33
N SER B 114 -5.22 4.69 4.93
CA SER B 114 -5.13 4.67 6.38
C SER B 114 -4.13 5.71 6.85
N ARG B 115 -4.25 6.04 8.14
CA ARG B 115 -3.33 6.92 8.83
C ARG B 115 -1.88 6.55 8.65
N GLY B 116 -1.56 5.29 8.93
CA GLY B 116 -0.21 4.77 8.80
C GLY B 116 0.33 4.75 7.38
N GLU B 117 -0.49 4.35 6.42
CA GLU B 117 -0.05 4.42 5.04
C GLU B 117 0.15 5.88 4.60
N TYR B 118 -0.72 6.78 5.05
CA TYR B 118 -0.52 8.18 4.71
C TYR B 118 0.83 8.65 5.23
N ASP B 119 1.08 8.37 6.51
CA ASP B 119 2.29 8.83 7.19
C ASP B 119 3.55 8.27 6.56
N ARG B 120 3.49 7.03 6.06
CA ARG B 120 4.63 6.43 5.38
C ARG B 120 4.80 6.96 3.96
N SER B 121 3.68 7.19 3.29
CA SER B 121 3.69 7.55 1.89
C SER B 121 4.05 9.02 1.66
N ILE B 122 3.55 9.89 2.52
CA ILE B 122 3.62 11.34 2.31
C ILE B 122 5.07 11.79 2.22
N LYS B 123 5.97 10.97 2.76
CA LYS B 123 7.38 11.29 2.77
C LYS B 123 8.21 10.24 2.04
N SER B 124 7.55 9.41 1.23
CA SER B 124 8.23 8.43 0.39
C SER B 124 9.09 9.10 -0.68
N PRO B 125 10.16 8.42 -1.11
CA PRO B 125 10.94 8.93 -2.24
C PRO B 125 10.07 9.23 -3.47
N ALA B 126 9.04 8.42 -3.72
CA ALA B 126 8.15 8.69 -4.85
C ALA B 126 7.51 10.08 -4.71
N VAL B 127 7.10 10.42 -3.49
CA VAL B 127 6.40 11.68 -3.27
C VAL B 127 7.41 12.82 -3.27
N ASN B 128 8.60 12.58 -2.72
CA ASN B 128 9.67 13.56 -2.74
C ASN B 128 9.99 13.98 -4.16
N ASP B 129 10.02 12.99 -5.04
CA ASP B 129 10.31 13.19 -6.46
C ASP B 129 9.26 14.10 -7.12
N VAL B 131 7.17 16.25 -5.49
CA VAL B 131 7.34 17.58 -4.91
C VAL B 131 8.44 18.29 -5.71
N ALA B 132 9.64 17.67 -5.80
CA ALA B 132 10.72 18.26 -6.60
C ALA B 132 10.25 18.58 -8.01
N LEU B 133 9.54 17.64 -8.64
CA LEU B 133 9.07 17.91 -9.99
C LEU B 133 8.25 19.21 -10.04
N GLN B 134 7.35 19.39 -9.08
CA GLN B 134 6.43 20.53 -9.12
C GLN B 134 7.20 21.84 -8.92
N GLU B 135 8.20 21.81 -8.06
CA GLU B 135 8.96 23.02 -7.76
C GLU B 135 9.87 23.34 -8.93
N ARG B 136 10.46 22.31 -9.51
CA ARG B 136 11.30 22.47 -10.71
C ARG B 136 10.51 23.07 -11.88
N LEU B 137 9.35 22.51 -12.15
CA LEU B 137 8.56 22.99 -13.29
C LEU B 137 8.03 24.41 -13.05
N PHE B 138 7.79 24.76 -11.79
CA PHE B 138 7.37 26.12 -11.46
C PHE B 138 8.36 27.12 -12.03
N LYS B 139 9.64 26.77 -11.95
CA LYS B 139 10.72 27.65 -12.41
C LYS B 139 10.93 27.55 -13.91
N GLU B 140 10.82 26.34 -14.45
CA GLU B 140 10.97 26.16 -15.89
C GLU B 140 9.91 26.87 -16.74
N TYR B 141 8.65 26.82 -16.30
CA TYR B 141 7.57 27.47 -17.04
C TYR B 141 7.52 28.96 -16.76
N GLY B 142 8.29 29.41 -15.78
CA GLY B 142 8.35 30.83 -15.43
C GLY B 142 7.07 31.31 -14.81
N VAL B 143 6.50 30.49 -13.92
CA VAL B 143 5.20 30.77 -13.31
C VAL B 143 5.26 31.97 -12.37
N ARG B 144 4.24 32.83 -12.44
CA ARG B 144 4.20 34.07 -11.65
C ARG B 144 2.95 34.15 -10.77
N GLY B 145 2.03 33.20 -10.92
CA GLY B 145 0.83 33.19 -10.10
C GLY B 145 -0.10 32.09 -10.55
N THR B 146 -1.32 32.10 -10.05
CA THR B 146 -2.28 31.04 -10.37
C THR B 146 -3.66 31.62 -10.72
N PRO B 147 -4.44 30.90 -11.53
CA PRO B 147 -4.01 29.73 -12.30
C PRO B 147 -3.12 30.19 -13.45
N SER B 148 -2.11 29.41 -13.78
CA SER B 148 -1.36 29.63 -15.01
C SER B 148 -1.55 28.41 -15.87
N VAL B 149 -2.16 28.61 -17.03
CA VAL B 149 -2.37 27.56 -18.01
C VAL B 149 -1.37 27.67 -19.15
N TYR B 150 -0.66 26.58 -19.42
CA TYR B 150 0.30 26.50 -20.52
C TYR B 150 -0.11 25.43 -21.52
N VAL B 151 0.05 25.74 -22.79
CA VAL B 151 -0.31 24.80 -23.85
C VAL B 151 0.94 24.35 -24.58
N ARG B 152 1.09 23.03 -24.70
CA ARG B 152 2.24 22.42 -25.34
C ARG B 152 3.60 23.00 -24.98
N GLY B 153 3.77 23.39 -23.74
CA GLY B 153 5.06 23.85 -23.28
C GLY B 153 5.53 25.14 -23.92
N ARG B 154 4.69 25.79 -24.71
CA ARG B 154 5.08 27.02 -25.41
C ARG B 154 4.23 28.25 -25.07
N TYR B 155 2.92 28.07 -24.88
CA TYR B 155 2.03 29.22 -24.74
C TYR B 155 1.44 29.33 -23.36
N HIS B 156 1.59 30.51 -22.74
CA HIS B 156 0.96 30.80 -21.47
C HIS B 156 -0.29 31.63 -21.70
N ILE B 157 -1.44 31.11 -21.25
CA ILE B 157 -2.70 31.81 -21.45
C ILE B 157 -2.75 33.07 -20.57
N ASN B 158 -3.23 34.17 -21.13
CA ASN B 158 -3.42 35.39 -20.34
C ASN B 158 -4.84 35.48 -19.76
N ASN B 159 -5.00 35.14 -18.48
CA ASN B 159 -6.33 35.07 -17.89
C ASN B 159 -7.00 36.43 -17.97
N ALA B 160 -6.18 37.48 -17.98
CA ALA B 160 -6.68 38.83 -17.85
C ALA B 160 -7.04 39.47 -19.20
N ALA B 161 -7.06 38.66 -20.26
CA ALA B 161 -7.39 39.13 -21.59
C ALA B 161 -8.76 38.64 -22.06
N PHE B 162 -9.60 38.15 -21.15
CA PHE B 162 -10.88 37.60 -21.60
C PHE B 162 -12.03 38.43 -21.06
N GLY B 163 -13.02 38.66 -21.91
CA GLY B 163 -14.22 39.39 -21.50
C GLY B 163 -15.46 38.53 -21.67
N ALA B 164 -16.40 38.66 -20.74
CA ALA B 164 -17.68 37.97 -20.85
C ALA B 164 -18.64 38.54 -19.81
N PHE B 165 -19.93 38.53 -20.10
CA PHE B 165 -20.94 38.87 -19.12
C PHE B 165 -21.48 37.62 -18.43
N SER B 166 -21.10 36.45 -18.92
CA SER B 166 -21.57 35.23 -18.27
C SER B 166 -20.46 34.17 -18.14
N VAL B 167 -20.68 33.26 -17.21
CA VAL B 167 -19.80 32.12 -17.03
C VAL B 167 -19.66 31.36 -18.32
N GLU B 168 -20.80 31.09 -18.95
CA GLU B 168 -20.82 30.27 -20.18
C GLU B 168 -20.00 30.89 -21.32
N ASN B 169 -20.10 32.20 -21.53
CA ASN B 169 -19.29 32.82 -22.57
C ASN B 169 -17.80 32.89 -22.17
N PHE B 170 -17.53 33.17 -20.91
CA PHE B 170 -16.15 33.20 -20.44
C PHE B 170 -15.49 31.84 -20.65
N ARG B 171 -16.15 30.80 -20.15
CA ARG B 171 -15.68 29.42 -20.30
C ARG B 171 -15.43 29.09 -21.76
N SER B 172 -16.41 29.40 -22.60
CA SER B 172 -16.34 29.08 -24.01
C SER B 172 -15.18 29.82 -24.71
N ARG B 173 -14.97 31.07 -24.33
CA ARG B 173 -13.90 31.85 -24.94
C ARG B 173 -12.50 31.40 -24.48
N TYR B 174 -12.35 31.11 -23.19
CA TYR B 174 -11.07 30.59 -22.68
C TYR B 174 -10.72 29.27 -23.38
N ALA B 175 -11.69 28.36 -23.45
CA ALA B 175 -11.44 27.04 -24.04
C ALA B 175 -11.20 27.12 -25.55
N ALA B 176 -11.88 28.06 -26.22
CA ALA B 176 -11.67 28.27 -27.64
C ALA B 176 -10.20 28.64 -27.93
N VAL B 177 -9.61 29.46 -27.07
CA VAL B 177 -8.23 29.84 -27.27
C VAL B 177 -7.29 28.67 -26.98
N VAL B 178 -7.55 27.92 -25.92
CA VAL B 178 -6.75 26.71 -25.70
C VAL B 178 -6.86 25.72 -26.87
N ARG B 179 -8.08 25.46 -27.33
CA ARG B 179 -8.30 24.60 -28.51
C ARG B 179 -7.48 25.06 -29.70
N LYS B 180 -7.61 26.33 -30.05
CA LYS B 180 -6.79 26.91 -31.11
C LYS B 180 -5.29 26.60 -30.96
N LEU B 181 -4.77 26.75 -29.75
CA LEU B 181 -3.33 26.56 -29.51
C LEU B 181 -2.94 25.11 -29.54
N LEU B 182 -3.91 24.23 -29.33
CA LEU B 182 -3.68 22.78 -29.45
C LEU B 182 -3.78 22.27 -30.90
N ALA B 183 -4.27 23.12 -31.80
CA ALA B 183 -4.49 22.70 -33.20
C ALA B 183 -3.23 22.13 -33.84
N GLY B 184 -3.40 21.14 -34.71
CA GLY B 184 -2.28 20.57 -35.44
C GLY B 184 -2.42 19.08 -35.73
N GLU C 4 -32.68 13.96 34.18
CA GLU C 4 -32.02 14.85 35.14
C GLU C 4 -30.56 14.51 35.44
N TRP C 5 -30.03 15.19 36.45
CA TRP C 5 -28.60 15.20 36.71
C TRP C 5 -28.32 15.56 38.17
N GLU C 6 -27.08 15.37 38.58
CA GLU C 6 -26.66 15.69 39.94
C GLU C 6 -25.42 16.56 39.88
N SER C 7 -25.30 17.52 40.78
CA SER C 7 -24.12 18.38 40.76
C SER C 7 -22.97 17.66 41.48
N ILE C 8 -21.79 17.68 40.90
CA ILE C 8 -20.68 16.95 41.50
C ILE C 8 -19.80 17.85 42.36
N THR C 9 -19.18 17.21 43.36
CA THR C 9 -18.46 17.93 44.40
C THR C 9 -17.19 17.16 44.80
N PRO C 10 -16.03 17.84 44.71
CA PRO C 10 -15.88 19.21 44.24
C PRO C 10 -15.85 19.25 42.73
N PRO C 11 -16.51 20.25 42.13
CA PRO C 11 -16.47 20.39 40.68
C PRO C 11 -15.04 20.28 40.13
N VAL C 12 -14.91 19.89 38.87
CA VAL C 12 -13.62 19.72 38.24
C VAL C 12 -13.26 20.95 37.39
N VAL C 13 -12.27 21.70 37.84
CA VAL C 13 -11.94 22.94 37.18
C VAL C 13 -11.16 22.70 35.91
N ASP C 14 -11.37 23.56 34.93
CA ASP C 14 -10.63 23.49 33.68
C ASP C 14 -10.98 22.21 32.92
N ALA C 15 -12.27 21.96 32.76
CA ALA C 15 -12.72 20.71 32.17
C ALA C 15 -13.43 20.95 30.84
N PRO C 16 -13.35 19.96 29.94
CA PRO C 16 -14.01 20.07 28.65
C PRO C 16 -15.51 20.24 28.85
N ALA C 17 -16.21 20.75 27.84
CA ALA C 17 -17.64 21.03 27.94
C ALA C 17 -18.46 19.78 28.27
N VAL C 18 -18.09 18.66 27.65
CA VAL C 18 -18.73 17.38 27.96
C VAL C 18 -17.68 16.28 27.99
N VAL C 19 -17.67 15.54 29.08
CA VAL C 19 -16.74 14.44 29.26
C VAL C 19 -17.49 13.10 29.42
N GLU C 20 -17.09 12.07 28.67
CA GLU C 20 -17.73 10.77 28.83
C GLU C 20 -16.77 9.65 29.19
N PHE C 21 -16.97 9.05 30.35
CA PHE C 21 -16.23 7.86 30.71
C PHE C 21 -16.95 6.65 30.12
N PHE C 22 -16.22 5.78 29.42
CA PHE C 22 -16.81 4.61 28.75
C PHE C 22 -15.88 3.41 28.86
N SER C 23 -16.40 2.24 28.51
CA SER C 23 -15.55 1.06 28.38
C SER C 23 -15.94 0.26 27.13
N PHE C 24 -14.95 -0.35 26.49
CA PHE C 24 -15.20 -1.22 25.35
C PHE C 24 -15.84 -2.57 25.71
N TYR C 25 -15.96 -2.83 27.02
CA TYR C 25 -16.64 -4.02 27.54
C TYR C 25 -18.06 -3.69 28.03
N CYS C 26 -18.47 -2.44 27.83
N CYS C 26 -18.48 -2.45 27.82
CA CYS C 26 -19.73 -1.95 28.38
CA CYS C 26 -19.72 -1.94 28.40
C CYS C 26 -20.78 -1.86 27.29
C CYS C 26 -20.80 -1.83 27.32
N PRO C 27 -21.80 -2.73 27.36
CA PRO C 27 -22.88 -2.71 26.36
C PRO C 27 -23.57 -1.35 26.16
N PRO C 28 -24.01 -0.72 27.25
CA PRO C 28 -24.68 0.58 27.09
C PRO C 28 -23.73 1.64 26.51
N CYS C 29 -22.42 1.46 26.73
N CYS C 29 -22.43 1.48 26.74
CA CYS C 29 -21.42 2.32 26.11
CA CYS C 29 -21.45 2.35 26.09
C CYS C 29 -21.44 2.09 24.61
C CYS C 29 -21.46 2.09 24.59
N TYR C 30 -21.45 0.82 24.22
CA TYR C 30 -21.57 0.44 22.82
C TYR C 30 -22.79 1.14 22.18
N ALA C 31 -23.92 1.10 22.88
CA ALA C 31 -25.14 1.69 22.34
C ALA C 31 -25.01 3.21 22.19
N PHE C 32 -24.46 3.88 23.19
CA PHE C 32 -24.32 5.33 23.14
C PHE C 32 -23.46 5.75 21.96
N SER C 33 -22.40 4.98 21.75
CA SER C 33 -21.39 5.30 20.74
C SER C 33 -21.75 4.83 19.33
N GLN C 34 -22.30 3.63 19.24
CA GLN C 34 -22.35 2.93 17.96
C GLN C 34 -23.75 2.72 17.36
N THR C 35 -24.71 2.37 18.20
N THR C 35 -24.73 2.36 18.18
CA THR C 35 -26.02 1.92 17.74
CA THR C 35 -26.02 1.99 17.61
C THR C 35 -27.12 2.97 17.83
C THR C 35 -27.13 3.00 17.81
N GLY C 37 -26.60 6.57 18.49
CA GLY C 37 -26.27 7.94 18.11
C GLY C 37 -26.37 8.95 19.24
N VAL C 38 -26.28 8.48 20.47
CA VAL C 38 -26.35 9.35 21.63
C VAL C 38 -25.15 10.33 21.69
N ASP C 39 -23.93 9.81 21.59
CA ASP C 39 -22.74 10.67 21.55
C ASP C 39 -22.79 11.65 20.37
N GLN C 40 -23.33 11.22 19.23
CA GLN C 40 -23.44 12.12 18.08
C GLN C 40 -24.45 13.23 18.33
N ALA C 41 -25.53 12.91 19.04
CA ALA C 41 -26.55 13.89 19.34
C ALA C 41 -25.98 14.92 20.31
N ILE C 42 -25.12 14.46 21.19
CA ILE C 42 -24.48 15.37 22.13
C ILE C 42 -23.55 16.31 21.38
N ARG C 43 -22.70 15.75 20.54
CA ARG C 43 -21.79 16.56 19.73
C ARG C 43 -22.56 17.61 18.92
N HIS C 44 -23.77 17.29 18.49
CA HIS C 44 -24.54 18.24 17.69
CA HIS C 44 -24.59 18.21 17.70
C HIS C 44 -24.93 19.48 18.49
N VAL C 45 -25.11 19.33 19.80
CA VAL C 45 -25.50 20.47 20.62
C VAL C 45 -24.31 21.13 21.33
N LEU C 46 -23.09 20.79 20.91
CA LEU C 46 -21.94 21.48 21.47
C LEU C 46 -21.85 22.86 20.84
N PRO C 47 -21.61 23.89 21.65
CA PRO C 47 -21.46 25.25 21.12
C PRO C 47 -20.03 25.50 20.68
N GLN C 48 -19.84 26.48 19.79
CA GLN C 48 -18.50 26.84 19.31
C GLN C 48 -17.42 26.78 20.39
N GLY C 49 -16.28 26.19 20.04
CA GLY C 49 -15.14 26.14 20.93
C GLY C 49 -15.26 25.11 22.04
N SER C 50 -16.46 24.55 22.19
CA SER C 50 -16.68 23.53 23.20
C SER C 50 -16.44 22.17 22.58
N ARG C 51 -15.99 21.21 23.38
CA ARG C 51 -15.75 19.88 22.84
C ARG C 51 -16.15 18.74 23.78
N VAL C 53 -15.00 15.02 25.04
CA VAL C 53 -13.87 14.09 25.04
C VAL C 53 -14.28 12.80 25.76
N LYS C 54 -13.71 11.67 25.35
CA LYS C 54 -14.03 10.40 26.00
C LYS C 54 -12.84 9.78 26.68
N TYR C 55 -13.07 9.29 27.90
CA TYR C 55 -12.05 8.63 28.68
C TYR C 55 -12.44 7.17 28.87
N HIS C 56 -11.49 6.27 28.63
CA HIS C 56 -11.70 4.84 28.82
C HIS C 56 -11.45 4.49 30.30
N VAL C 57 -12.16 3.47 30.79
CA VAL C 57 -12.02 3.04 32.18
C VAL C 57 -11.41 1.63 32.25
N SER C 58 -10.45 1.45 33.14
CA SER C 58 -9.60 0.25 33.13
C SER C 58 -10.13 -0.94 33.94
N LEU C 59 -11.10 -0.71 34.81
CA LEU C 59 -11.48 -1.72 35.79
C LEU C 59 -12.27 -2.88 35.20
N LEU C 60 -12.96 -2.60 34.10
CA LEU C 60 -13.83 -3.58 33.48
C LEU C 60 -13.06 -4.52 32.56
N GLY C 61 -13.37 -5.81 32.65
CA GLY C 61 -12.82 -6.77 31.72
C GLY C 61 -11.35 -7.07 31.93
N PRO C 62 -10.91 -8.18 31.36
CA PRO C 62 -9.51 -8.65 31.40
C PRO C 62 -8.57 -7.65 30.76
N LEU C 63 -8.97 -7.08 29.63
CA LEU C 63 -8.08 -6.23 28.85
C LEU C 63 -8.22 -4.74 29.16
N GLY C 64 -8.83 -4.43 30.31
CA GLY C 64 -9.18 -3.06 30.63
C GLY C 64 -8.03 -2.08 30.57
N HIS C 65 -6.88 -2.47 31.12
CA HIS C 65 -5.72 -1.59 31.12
C HIS C 65 -5.14 -1.46 29.72
N GLU C 66 -5.03 -2.59 29.02
CA GLU C 66 -4.54 -2.59 27.67
C GLU C 66 -5.36 -1.65 26.78
N LEU C 67 -6.67 -1.68 26.95
CA LEU C 67 -7.56 -0.89 26.12
C LEU C 67 -7.42 0.60 26.47
N THR C 68 -7.25 0.89 27.74
CA THR C 68 -7.14 2.27 28.16
C THR C 68 -5.89 2.89 27.55
N ARG C 69 -4.79 2.13 27.54
CA ARG C 69 -3.55 2.58 26.93
C ARG C 69 -3.73 2.70 25.42
N ALA C 70 -4.37 1.73 24.80
CA ALA C 70 -4.65 1.80 23.36
C ALA C 70 -5.47 3.05 23.04
N TRP C 71 -6.50 3.32 23.85
CA TRP C 71 -7.30 4.53 23.69
C TRP C 71 -6.42 5.78 23.90
N ALA C 72 -5.50 5.72 24.85
CA ALA C 72 -4.60 6.85 25.09
C ALA C 72 -3.78 7.13 23.82
N LEU C 73 -3.31 6.07 23.18
CA LEU C 73 -2.62 6.24 21.88
C LEU C 73 -3.55 6.89 20.84
N ALA C 74 -4.80 6.43 20.76
CA ALA C 74 -5.76 7.04 19.86
C ALA C 74 -5.95 8.54 20.18
N VAL C 76 -3.82 10.54 21.61
CA VAL C 76 -2.57 11.20 21.23
C VAL C 76 -2.49 11.43 19.73
N LYS C 78 -4.98 11.46 17.70
CA LYS C 78 -6.25 11.98 17.18
C LYS C 78 -6.91 11.03 16.17
N GLU C 79 -6.92 9.74 16.51
CA GLU C 79 -7.59 8.74 15.69
C GLU C 79 -8.74 8.10 16.47
N THR C 80 -9.40 8.89 17.31
CA THR C 80 -10.39 8.34 18.23
C THR C 80 -11.62 7.76 17.51
N ASP C 81 -12.04 8.40 16.43
CA ASP C 81 -13.19 7.90 15.67
C ASP C 81 -13.02 6.48 15.13
N VAL C 82 -11.95 6.27 14.36
N VAL C 82 -11.96 6.28 14.36
CA VAL C 82 -11.70 4.97 13.78
CA VAL C 82 -11.69 4.98 13.76
C VAL C 82 -11.45 3.92 14.86
C VAL C 82 -11.45 3.93 14.85
N ILE C 83 -10.74 4.30 15.91
CA ILE C 83 -10.40 3.35 16.96
C ILE C 83 -11.61 2.94 17.77
N GLU C 84 -12.51 3.89 18.02
CA GLU C 84 -13.71 3.61 18.80
C GLU C 84 -14.56 2.58 18.06
N LYS C 85 -14.74 2.81 16.77
CA LYS C 85 -15.59 1.98 15.96
C LYS C 85 -14.92 0.62 15.86
N ALA C 86 -13.60 0.64 15.72
CA ALA C 86 -12.82 -0.56 15.55
C ALA C 86 -12.95 -1.47 16.76
N PHE C 87 -12.73 -0.91 17.95
CA PHE C 87 -12.71 -1.75 19.11
C PHE C 87 -14.12 -2.21 19.48
N PHE C 88 -15.11 -1.38 19.21
CA PHE C 88 -16.48 -1.79 19.50
C PHE C 88 -16.91 -2.94 18.57
N THR C 89 -16.51 -2.85 17.31
CA THR C 89 -16.79 -3.90 16.35
C THR C 89 -16.07 -5.20 16.75
N ALA C 90 -14.79 -5.06 17.08
CA ALA C 90 -13.97 -6.21 17.42
C ALA C 90 -14.53 -7.00 18.61
N GLY C 91 -15.01 -6.30 19.62
CA GLY C 91 -15.51 -6.95 20.82
C GLY C 91 -16.98 -7.30 20.71
N VAL C 93 -19.32 -6.91 18.49
CA VAL C 93 -19.89 -7.49 17.29
C VAL C 93 -19.24 -8.82 16.94
N GLU C 94 -17.91 -8.86 16.94
CA GLU C 94 -17.21 -10.04 16.43
C GLU C 94 -16.60 -10.94 17.50
N LYS C 95 -16.67 -10.53 18.76
CA LYS C 95 -16.24 -11.35 19.88
C LYS C 95 -14.80 -11.80 19.74
N ARG C 96 -13.96 -10.98 19.14
CA ARG C 96 -12.58 -11.37 18.96
C ARG C 96 -11.62 -10.43 19.65
N LEU C 97 -11.94 -10.07 20.88
CA LEU C 97 -11.05 -9.25 21.69
C LEU C 97 -10.66 -10.02 22.93
N HIS C 98 -9.65 -10.88 22.84
CA HIS C 98 -9.32 -11.73 23.97
C HIS C 98 -7.94 -11.53 24.59
N SER C 99 -6.94 -11.24 23.78
CA SER C 99 -5.58 -11.15 24.31
C SER C 99 -4.97 -9.75 24.14
N PRO C 100 -3.82 -9.52 24.77
CA PRO C 100 -3.12 -8.24 24.52
C PRO C 100 -2.78 -8.08 23.05
N ASP C 101 -2.41 -9.16 22.37
CA ASP C 101 -2.09 -9.06 20.94
C ASP C 101 -3.30 -8.69 20.11
N ASP C 102 -4.49 -9.12 20.52
CA ASP C 102 -5.70 -8.73 19.78
C ASP C 102 -5.86 -7.21 19.85
N VAL C 103 -5.53 -6.64 21.01
CA VAL C 103 -5.64 -5.20 21.21
C VAL C 103 -4.75 -4.52 20.17
N ARG C 104 -3.45 -4.86 20.18
CA ARG C 104 -2.50 -4.28 19.24
C ARG C 104 -2.97 -4.47 17.81
N ARG C 105 -3.43 -5.67 17.52
CA ARG C 105 -3.82 -6.07 16.18
C ARG C 105 -5.02 -5.28 15.67
N VAL C 106 -6.03 -5.12 16.51
CA VAL C 106 -7.18 -4.33 16.11
C VAL C 106 -6.72 -2.87 15.89
N PHE C 107 -5.88 -2.37 16.78
CA PHE C 107 -5.38 -0.99 16.62
C PHE C 107 -4.72 -0.79 15.26
N SER C 109 -4.89 -2.65 12.50
CA SER C 109 -5.79 -2.86 11.38
C SER C 109 -6.68 -1.64 11.11
N ALA C 110 -6.99 -0.87 12.15
CA ALA C 110 -7.83 0.31 12.00
C ALA C 110 -7.06 1.54 11.53
N THR C 111 -5.82 1.68 11.99
CA THR C 111 -5.06 2.90 11.75
C THR C 111 -3.97 2.68 10.73
N GLY C 112 -3.63 1.42 10.48
CA GLY C 112 -2.61 1.08 9.50
C GLY C 112 -1.18 1.27 9.98
N ILE C 113 -0.99 1.75 11.20
CA ILE C 113 0.39 1.89 11.67
C ILE C 113 1.07 0.53 11.78
N SER C 114 2.39 0.54 11.71
CA SER C 114 3.13 -0.69 11.72
C SER C 114 3.29 -1.23 13.15
N ARG C 115 3.81 -2.45 13.26
CA ARG C 115 3.98 -3.09 14.56
C ARG C 115 5.04 -2.40 15.38
N GLY C 116 6.15 -2.04 14.74
CA GLY C 116 7.19 -1.31 15.44
C GLY C 116 6.68 0.07 15.84
N GLU C 117 5.80 0.64 15.02
CA GLU C 117 5.25 1.98 15.30
C GLU C 117 4.33 1.90 16.50
N TYR C 118 3.46 0.90 16.50
CA TYR C 118 2.58 0.67 17.64
C TYR C 118 3.39 0.44 18.91
N ASP C 119 4.38 -0.45 18.83
CA ASP C 119 5.17 -0.83 20.00
C ASP C 119 5.98 0.34 20.59
N ARG C 120 6.56 1.19 19.75
CA ARG C 120 7.22 2.40 20.24
C ARG C 120 6.21 3.38 20.83
N SER C 121 5.15 3.64 20.07
CA SER C 121 4.18 4.67 20.44
C SER C 121 3.38 4.31 21.70
N ILE C 122 3.00 3.04 21.81
CA ILE C 122 2.13 2.60 22.91
C ILE C 122 2.71 2.91 24.28
N LYS C 123 4.04 3.02 24.36
CA LYS C 123 4.68 3.35 25.63
C LYS C 123 5.40 4.70 25.57
N SER C 124 4.97 5.58 24.68
CA SER C 124 5.58 6.91 24.61
C SER C 124 5.12 7.79 25.76
N PRO C 125 5.97 8.77 26.14
CA PRO C 125 5.62 9.72 27.19
C PRO C 125 4.23 10.33 26.99
N ALA C 126 3.90 10.77 25.78
CA ALA C 126 2.60 11.37 25.54
C ALA C 126 1.46 10.39 25.85
N VAL C 127 1.63 9.14 25.42
CA VAL C 127 0.64 8.12 25.75
C VAL C 127 0.61 7.83 27.25
N ASN C 128 1.78 7.76 27.89
CA ASN C 128 1.83 7.61 29.34
C ASN C 128 1.04 8.71 30.04
N ASP C 129 1.20 9.96 29.58
CA ASP C 129 0.43 11.08 30.13
C ASP C 129 -1.08 10.85 30.00
N VAL C 131 -2.71 7.97 29.69
CA VAL C 131 -3.14 6.91 30.60
C VAL C 131 -3.37 7.52 31.96
N ALA C 132 -2.38 8.27 32.45
CA ALA C 132 -2.50 8.92 33.76
C ALA C 132 -3.68 9.85 33.87
N LEU C 133 -3.91 10.66 32.83
CA LEU C 133 -5.08 11.52 32.83
C LEU C 133 -6.38 10.73 33.07
N GLN C 134 -6.59 9.69 32.29
CA GLN C 134 -7.83 8.94 32.36
C GLN C 134 -8.00 8.33 33.75
N GLU C 135 -6.94 7.73 34.28
CA GLU C 135 -7.00 7.13 35.60
C GLU C 135 -7.23 8.18 36.68
N ARG C 136 -6.66 9.37 36.50
CA ARG C 136 -6.74 10.43 37.50
C ARG C 136 -8.12 11.08 37.46
N LEU C 137 -8.63 11.29 36.26
CA LEU C 137 -9.92 11.96 36.13
C LEU C 137 -11.05 11.02 36.58
N PHE C 138 -10.80 9.72 36.50
CA PHE C 138 -11.76 8.71 36.97
C PHE C 138 -12.09 9.02 38.41
N LYS C 139 -11.04 9.28 39.19
CA LYS C 139 -11.20 9.63 40.60
C LYS C 139 -11.75 11.04 40.80
N GLU C 140 -11.19 12.04 40.12
CA GLU C 140 -11.64 13.40 40.31
C GLU C 140 -13.11 13.62 39.96
N TYR C 141 -13.60 12.89 38.97
CA TYR C 141 -15.03 12.98 38.63
C TYR C 141 -15.86 12.06 39.52
N GLY C 142 -15.18 11.27 40.34
CA GLY C 142 -15.85 10.33 41.22
C GLY C 142 -16.75 9.39 40.43
N VAL C 143 -16.17 8.75 39.42
CA VAL C 143 -16.90 7.88 38.52
C VAL C 143 -17.33 6.57 39.20
N ARG C 144 -18.57 6.17 38.99
CA ARG C 144 -19.07 4.96 39.63
C ARG C 144 -19.31 3.86 38.63
N GLY C 145 -19.86 4.22 37.48
CA GLY C 145 -20.06 3.27 36.39
C GLY C 145 -20.02 3.94 35.02
N THR C 146 -20.14 3.14 33.98
CA THR C 146 -20.09 3.60 32.60
C THR C 146 -21.39 3.24 31.88
N PRO C 147 -21.85 4.09 30.95
CA PRO C 147 -21.19 5.35 30.63
C PRO C 147 -21.50 6.37 31.71
N SER C 148 -20.67 7.41 31.80
CA SER C 148 -20.83 8.43 32.80
C SER C 148 -20.48 9.76 32.14
N VAL C 149 -21.50 10.55 31.86
CA VAL C 149 -21.37 11.79 31.12
C VAL C 149 -21.39 12.99 32.07
N TYR C 150 -20.33 13.78 32.07
CA TYR C 150 -20.31 15.01 32.88
C TYR C 150 -20.29 16.24 32.01
N VAL C 151 -20.82 17.34 32.53
CA VAL C 151 -20.88 18.58 31.77
C VAL C 151 -20.12 19.67 32.53
N ARG C 152 -19.16 20.30 31.86
CA ARG C 152 -18.37 21.38 32.46
C ARG C 152 -17.81 21.08 33.84
N GLY C 153 -17.45 19.82 34.07
CA GLY C 153 -16.85 19.42 35.33
C GLY C 153 -17.76 19.62 36.55
N ARG C 154 -19.01 20.01 36.29
CA ARG C 154 -19.97 20.30 37.35
C ARG C 154 -21.05 19.23 37.52
N TYR C 155 -21.70 18.86 36.43
CA TYR C 155 -22.87 17.98 36.48
C TYR C 155 -22.62 16.57 35.96
N HIS C 156 -23.15 15.58 36.66
CA HIS C 156 -23.22 14.21 36.18
C HIS C 156 -24.63 13.91 35.69
N ILE C 157 -24.74 13.30 34.53
CA ILE C 157 -26.05 12.92 34.02
C ILE C 157 -26.47 11.57 34.59
N ASN C 158 -27.73 11.46 34.97
CA ASN C 158 -28.27 10.18 35.46
C ASN C 158 -28.94 9.44 34.33
N ASN C 159 -28.20 8.53 33.71
CA ASN C 159 -28.70 7.80 32.55
C ASN C 159 -30.12 7.26 32.79
N ALA C 160 -30.40 6.80 34.00
CA ALA C 160 -31.64 6.08 34.30
C ALA C 160 -32.81 7.02 34.48
N ALA C 161 -32.55 8.32 34.40
CA ALA C 161 -33.58 9.32 34.61
C ALA C 161 -34.34 9.58 33.34
N PHE C 162 -33.96 8.91 32.26
CA PHE C 162 -34.59 9.15 30.97
C PHE C 162 -35.48 7.99 30.55
N GLY C 163 -36.73 8.04 30.99
CA GLY C 163 -37.68 7.02 30.62
C GLY C 163 -38.05 7.22 29.18
N ALA C 164 -37.89 6.17 28.38
CA ALA C 164 -38.24 6.25 26.97
C ALA C 164 -38.69 4.90 26.44
N PHE C 165 -39.67 4.93 25.53
CA PHE C 165 -40.08 3.73 24.81
C PHE C 165 -39.34 3.61 23.47
N SER C 166 -38.58 4.65 23.12
CA SER C 166 -37.82 4.62 21.86
C SER C 166 -36.44 5.24 21.97
N VAL C 167 -35.53 4.73 21.13
CA VAL C 167 -34.20 5.29 21.01
C VAL C 167 -34.27 6.77 20.61
N GLU C 168 -35.13 7.10 19.66
CA GLU C 168 -35.25 8.50 19.24
C GLU C 168 -35.57 9.44 20.40
N ASN C 169 -36.55 9.08 21.22
CA ASN C 169 -36.91 9.91 22.35
C ASN C 169 -35.83 9.90 23.43
N PHE C 170 -35.28 8.73 23.72
CA PHE C 170 -34.20 8.66 24.69
C PHE C 170 -33.10 9.63 24.25
N ARG C 171 -32.59 9.41 23.04
CA ARG C 171 -31.56 10.25 22.43
C ARG C 171 -31.91 11.74 22.49
N SER C 172 -33.13 12.08 22.09
CA SER C 172 -33.63 13.46 22.10
C SER C 172 -33.58 14.09 23.48
N ARG C 173 -34.20 13.42 24.44
CA ARG C 173 -34.25 13.93 25.80
C ARG C 173 -32.86 14.05 26.44
N TYR C 174 -31.95 13.17 26.05
CA TYR C 174 -30.63 13.12 26.66
C TYR C 174 -29.83 14.34 26.23
N ALA C 175 -29.82 14.57 24.92
CA ALA C 175 -29.14 15.73 24.35
C ALA C 175 -29.79 17.02 24.85
N ALA C 176 -31.11 17.02 24.99
CA ALA C 176 -31.84 18.21 25.44
C ALA C 176 -31.31 18.70 26.77
N VAL C 177 -31.12 17.78 27.71
CA VAL C 177 -30.62 18.11 29.02
C VAL C 177 -29.17 18.58 28.97
N VAL C 178 -28.40 17.98 28.07
CA VAL C 178 -27.00 18.37 27.95
C VAL C 178 -26.90 19.75 27.33
N ARG C 179 -27.72 20.01 26.31
CA ARG C 179 -27.75 21.32 25.68
C ARG C 179 -28.14 22.36 26.73
N LYS C 180 -28.99 21.95 27.66
CA LYS C 180 -29.43 22.84 28.71
C LYS C 180 -28.27 23.13 29.66
N LEU C 181 -27.61 22.08 30.13
CA LEU C 181 -26.50 22.26 31.06
C LEU C 181 -25.32 22.98 30.41
N LEU C 182 -25.27 22.95 29.07
CA LEU C 182 -24.26 23.73 28.35
C LEU C 182 -24.74 25.16 28.12
N ALA C 183 -25.98 25.45 28.50
CA ALA C 183 -26.56 26.77 28.23
C ALA C 183 -25.64 27.89 28.70
N GLY C 184 -25.54 28.94 27.90
CA GLY C 184 -24.70 30.08 28.23
C GLY C 184 -23.34 29.68 28.76
N GLU D 4 -37.46 -28.56 1.14
CA GLU D 4 -37.89 -28.85 -0.23
C GLU D 4 -36.90 -28.33 -1.27
N TRP D 5 -36.94 -28.95 -2.44
CA TRP D 5 -36.07 -28.60 -3.56
C TRP D 5 -36.72 -29.06 -4.83
N GLU D 6 -36.48 -28.33 -5.92
CA GLU D 6 -36.98 -28.72 -7.22
C GLU D 6 -35.79 -29.08 -8.09
N SER D 7 -35.99 -30.00 -9.03
CA SER D 7 -34.95 -30.38 -9.97
C SER D 7 -34.86 -29.36 -11.10
N ILE D 8 -33.65 -28.98 -11.46
CA ILE D 8 -33.47 -27.95 -12.47
C ILE D 8 -33.28 -28.61 -13.83
N THR D 9 -33.89 -28.03 -14.86
CA THR D 9 -33.83 -28.62 -16.19
C THR D 9 -33.74 -27.55 -17.28
N PRO D 10 -32.75 -27.68 -18.18
CA PRO D 10 -31.77 -28.77 -18.25
C PRO D 10 -30.65 -28.64 -17.22
N PRO D 11 -30.30 -29.76 -16.57
CA PRO D 11 -29.18 -29.76 -15.64
C PRO D 11 -28.00 -28.95 -16.17
N VAL D 12 -27.21 -28.36 -15.28
CA VAL D 12 -25.99 -27.67 -15.68
C VAL D 12 -24.80 -28.58 -15.45
N VAL D 13 -24.12 -28.97 -16.52
CA VAL D 13 -23.06 -29.94 -16.37
C VAL D 13 -21.76 -29.25 -16.02
N ASP D 14 -20.96 -29.90 -15.20
CA ASP D 14 -19.66 -29.37 -14.80
C ASP D 14 -19.80 -28.25 -13.77
N ALA D 15 -20.85 -28.32 -12.97
CA ALA D 15 -21.14 -27.28 -11.98
C ALA D 15 -20.50 -27.63 -10.64
N PRO D 16 -20.24 -26.61 -9.81
CA PRO D 16 -19.75 -26.82 -8.44
C PRO D 16 -20.81 -27.49 -7.56
N ALA D 17 -20.36 -28.11 -6.45
CA ALA D 17 -21.26 -28.79 -5.50
C ALA D 17 -22.42 -27.92 -5.04
N VAL D 18 -22.13 -26.64 -4.79
CA VAL D 18 -23.16 -25.70 -4.39
C VAL D 18 -22.84 -24.36 -5.00
N VAL D 19 -23.84 -23.79 -5.64
CA VAL D 19 -23.74 -22.49 -6.28
C VAL D 19 -24.80 -21.59 -5.66
N GLU D 20 -24.42 -20.37 -5.32
CA GLU D 20 -25.39 -19.44 -4.80
C GLU D 20 -25.35 -18.12 -5.56
N PHE D 21 -26.48 -17.78 -6.16
CA PHE D 21 -26.63 -16.45 -6.74
C PHE D 21 -27.05 -15.47 -5.65
N PHE D 22 -26.49 -14.26 -5.68
CA PHE D 22 -26.80 -13.29 -4.62
C PHE D 22 -26.60 -11.87 -5.09
N SER D 23 -27.01 -10.93 -4.25
CA SER D 23 -26.84 -9.51 -4.53
C SER D 23 -26.56 -8.77 -3.24
N PHE D 24 -25.67 -7.78 -3.32
CA PHE D 24 -25.40 -6.92 -2.16
C PHE D 24 -26.55 -5.97 -1.84
N TYR D 25 -27.51 -5.85 -2.76
CA TYR D 25 -28.76 -5.11 -2.53
C TYR D 25 -29.90 -5.99 -2.00
N CYS D 26 -29.60 -7.25 -1.72
N CYS D 26 -29.60 -7.25 -1.71
CA CYS D 26 -30.62 -8.21 -1.31
CA CYS D 26 -30.64 -8.21 -1.33
C CYS D 26 -30.56 -8.53 0.19
C CYS D 26 -30.59 -8.56 0.17
N PRO D 27 -31.58 -8.10 0.95
CA PRO D 27 -31.61 -8.34 2.40
C PRO D 27 -31.48 -9.81 2.83
N PRO D 28 -32.30 -10.73 2.28
CA PRO D 28 -32.16 -12.12 2.75
C PRO D 28 -30.77 -12.69 2.42
N CYS D 29 -30.15 -12.14 1.38
N CYS D 29 -30.15 -12.17 1.38
CA CYS D 29 -28.78 -12.51 1.02
CA CYS D 29 -28.76 -12.54 1.04
C CYS D 29 -27.84 -12.09 2.13
C CYS D 29 -27.83 -12.09 2.15
N TYR D 30 -27.95 -10.82 2.53
CA TYR D 30 -27.24 -10.32 3.70
C TYR D 30 -27.40 -11.29 4.86
N ALA D 31 -28.63 -11.71 5.11
CA ALA D 31 -28.88 -12.61 6.23
C ALA D 31 -28.14 -13.93 6.06
N PHE D 32 -28.28 -14.57 4.90
CA PHE D 32 -27.62 -15.86 4.64
C PHE D 32 -26.11 -15.76 4.85
N SER D 33 -25.54 -14.64 4.43
CA SER D 33 -24.10 -14.47 4.40
C SER D 33 -23.49 -13.97 5.70
N GLN D 34 -24.10 -12.93 6.27
CA GLN D 34 -23.48 -12.14 7.34
C GLN D 34 -24.05 -12.37 8.76
N THR D 35 -25.34 -12.62 8.87
CA THR D 35 -25.98 -12.66 10.18
C THR D 35 -26.56 -14.00 10.63
N GLY D 37 -25.47 -17.25 9.39
CA GLY D 37 -24.54 -18.35 9.22
C GLY D 37 -25.02 -19.47 8.32
N VAL D 38 -25.93 -19.14 7.40
CA VAL D 38 -26.44 -20.12 6.44
C VAL D 38 -25.36 -20.57 5.43
N ASP D 39 -24.63 -19.63 4.84
CA ASP D 39 -23.53 -19.96 3.94
C ASP D 39 -22.44 -20.77 4.64
N GLN D 40 -22.14 -20.41 5.88
CA GLN D 40 -21.15 -21.15 6.65
C GLN D 40 -21.64 -22.55 6.99
N ALA D 41 -22.94 -22.69 7.23
CA ALA D 41 -23.49 -23.99 7.57
C ALA D 41 -23.51 -24.88 6.34
N ILE D 42 -23.77 -24.29 5.19
CA ILE D 42 -23.69 -25.03 3.93
C ILE D 42 -22.27 -25.50 3.65
N ARG D 43 -21.30 -24.62 3.89
CA ARG D 43 -19.91 -24.97 3.66
C ARG D 43 -19.43 -26.06 4.60
N HIS D 44 -20.03 -26.17 5.78
CA HIS D 44 -19.64 -27.19 6.74
C HIS D 44 -20.06 -28.61 6.33
N VAL D 45 -21.10 -28.72 5.52
CA VAL D 45 -21.54 -30.03 5.04
C VAL D 45 -20.96 -30.40 3.67
N LEU D 46 -19.96 -29.66 3.21
CA LEU D 46 -19.35 -29.96 1.93
C LEU D 46 -18.43 -31.17 2.05
N PRO D 47 -18.58 -32.15 1.13
CA PRO D 47 -17.71 -33.31 1.02
C PRO D 47 -16.31 -32.89 0.60
N GLN D 48 -15.32 -33.75 0.81
CA GLN D 48 -13.98 -33.46 0.33
C GLN D 48 -14.00 -33.21 -1.18
N GLY D 49 -13.30 -32.18 -1.62
CA GLY D 49 -13.24 -31.84 -3.04
C GLY D 49 -14.45 -31.08 -3.54
N SER D 50 -15.48 -31.00 -2.71
CA SER D 50 -16.66 -30.19 -3.03
C SER D 50 -16.43 -28.75 -2.62
N ARG D 51 -17.04 -27.82 -3.34
CA ARG D 51 -16.96 -26.42 -2.94
C ARG D 51 -18.22 -25.62 -3.28
N VAL D 53 -19.66 -21.96 -4.58
CA VAL D 53 -19.26 -20.74 -5.26
C VAL D 53 -20.43 -19.78 -5.27
N LYS D 54 -20.13 -18.48 -5.18
CA LYS D 54 -21.16 -17.44 -5.16
C LYS D 54 -21.06 -16.57 -6.38
N TYR D 55 -22.21 -16.33 -7.00
CA TYR D 55 -22.27 -15.53 -8.19
C TYR D 55 -23.16 -14.33 -7.89
N HIS D 56 -22.70 -13.14 -8.27
CA HIS D 56 -23.46 -11.93 -8.00
C HIS D 56 -24.41 -11.66 -9.18
N VAL D 57 -25.57 -11.08 -8.92
CA VAL D 57 -26.51 -10.76 -10.01
C VAL D 57 -26.64 -9.25 -10.17
N SER D 58 -26.65 -8.76 -11.41
CA SER D 58 -26.51 -7.32 -11.61
C SER D 58 -27.81 -6.56 -11.91
N LEU D 59 -28.93 -7.27 -11.98
CA LEU D 59 -30.21 -6.64 -12.32
C LEU D 59 -30.78 -5.78 -11.19
N LEU D 60 -30.39 -6.12 -9.97
CA LEU D 60 -30.87 -5.45 -8.78
C LEU D 60 -30.07 -4.21 -8.46
N GLY D 61 -30.76 -3.09 -8.27
CA GLY D 61 -30.12 -1.90 -7.75
C GLY D 61 -29.35 -1.12 -8.79
N PRO D 62 -29.12 0.16 -8.49
CA PRO D 62 -28.39 1.07 -9.37
C PRO D 62 -26.99 0.54 -9.69
N LEU D 63 -26.26 0.08 -8.68
CA LEU D 63 -24.86 -0.35 -8.87
C LEU D 63 -24.71 -1.84 -9.22
N GLY D 64 -25.77 -2.45 -9.75
CA GLY D 64 -25.78 -3.90 -9.99
C GLY D 64 -24.66 -4.46 -10.87
N HIS D 65 -24.41 -3.81 -12.00
CA HIS D 65 -23.36 -4.25 -12.89
C HIS D 65 -21.98 -3.98 -12.29
N GLU D 66 -21.81 -2.82 -11.68
CA GLU D 66 -20.54 -2.43 -11.09
C GLU D 66 -20.14 -3.41 -9.98
N LEU D 67 -21.12 -3.80 -9.17
CA LEU D 67 -20.89 -4.76 -8.11
C LEU D 67 -20.59 -6.15 -8.65
N THR D 68 -21.23 -6.52 -9.75
CA THR D 68 -20.99 -7.82 -10.33
C THR D 68 -19.54 -7.87 -10.85
N ARG D 69 -19.08 -6.75 -11.38
CA ARG D 69 -17.70 -6.65 -11.85
C ARG D 69 -16.72 -6.64 -10.69
N ALA D 70 -17.05 -5.89 -9.64
CA ALA D 70 -16.26 -5.85 -8.43
C ALA D 70 -16.13 -7.26 -7.83
N TRP D 71 -17.26 -7.95 -7.74
CA TRP D 71 -17.27 -9.34 -7.29
C TRP D 71 -16.44 -10.25 -8.18
N ALA D 72 -16.54 -10.07 -9.49
CA ALA D 72 -15.70 -10.80 -10.39
C ALA D 72 -14.21 -10.56 -10.07
N LEU D 73 -13.83 -9.32 -9.75
CA LEU D 73 -12.44 -9.05 -9.39
C LEU D 73 -12.07 -9.80 -8.10
N ALA D 74 -12.97 -9.76 -7.12
CA ALA D 74 -12.79 -10.55 -5.92
C ALA D 74 -12.62 -12.05 -6.22
N VAL D 76 -11.48 -13.41 -8.99
CA VAL D 76 -10.21 -13.57 -9.70
C VAL D 76 -9.03 -13.55 -8.71
N LYS D 78 -9.22 -14.18 -5.48
CA LYS D 78 -9.54 -15.01 -4.31
C LYS D 78 -9.65 -14.23 -2.99
N GLU D 79 -10.31 -13.07 -3.05
CA GLU D 79 -10.56 -12.27 -1.84
C GLU D 79 -12.05 -12.13 -1.63
N THR D 80 -12.79 -13.21 -1.91
CA THR D 80 -14.25 -13.16 -1.80
C THR D 80 -14.70 -12.92 -0.36
N ASP D 81 -14.05 -13.56 0.61
CA ASP D 81 -14.45 -13.37 2.01
C ASP D 81 -14.40 -11.91 2.47
N VAL D 82 -13.27 -11.25 2.29
CA VAL D 82 -13.13 -9.85 2.71
C VAL D 82 -14.09 -8.93 1.95
N ILE D 83 -14.26 -9.21 0.66
CA ILE D 83 -15.06 -8.34 -0.19
C ILE D 83 -16.54 -8.52 0.07
N GLU D 84 -16.94 -9.74 0.39
CA GLU D 84 -18.34 -10.00 0.71
C GLU D 84 -18.72 -9.27 1.98
N LYS D 85 -17.87 -9.37 2.98
CA LYS D 85 -18.10 -8.70 4.25
C LYS D 85 -18.12 -7.20 4.04
N ALA D 86 -17.14 -6.70 3.29
CA ALA D 86 -16.96 -5.27 3.10
C ALA D 86 -18.18 -4.64 2.41
N PHE D 87 -18.71 -5.30 1.39
CA PHE D 87 -19.79 -4.72 0.62
C PHE D 87 -21.13 -4.81 1.33
N PHE D 88 -21.35 -5.88 2.07
CA PHE D 88 -22.55 -6.00 2.89
C PHE D 88 -22.55 -5.00 4.05
N THR D 89 -21.37 -4.71 4.56
CA THR D 89 -21.23 -3.67 5.58
C THR D 89 -21.46 -2.28 5.00
N ALA D 90 -20.82 -1.98 3.88
CA ALA D 90 -20.97 -0.69 3.24
C ALA D 90 -22.42 -0.38 2.85
N GLY D 91 -23.17 -1.41 2.43
CA GLY D 91 -24.52 -1.19 1.95
C GLY D 91 -25.54 -1.31 3.07
N VAL D 93 -25.40 -2.14 6.24
CA VAL D 93 -25.18 -1.65 7.59
C VAL D 93 -24.97 -0.13 7.64
N GLU D 94 -24.19 0.40 6.71
CA GLU D 94 -23.81 1.81 6.76
C GLU D 94 -24.42 2.72 5.71
N LYS D 95 -25.14 2.12 4.76
CA LYS D 95 -25.84 2.90 3.73
C LYS D 95 -24.97 3.90 3.02
N ARG D 96 -23.77 3.48 2.63
CA ARG D 96 -22.89 4.39 1.91
C ARG D 96 -22.40 3.75 0.60
N LEU D 97 -23.32 3.09 -0.08
CA LEU D 97 -23.01 2.46 -1.36
C LEU D 97 -23.90 3.07 -2.42
N HIS D 98 -23.51 4.22 -2.95
CA HIS D 98 -24.39 4.94 -3.85
C HIS D 98 -23.81 5.17 -5.23
N SER D 99 -22.50 5.36 -5.31
CA SER D 99 -21.89 5.69 -6.60
C SER D 99 -20.89 4.64 -7.09
N PRO D 100 -20.49 4.74 -8.36
CA PRO D 100 -19.42 3.90 -8.88
C PRO D 100 -18.15 4.06 -8.06
N ASP D 101 -17.74 5.29 -7.73
CA ASP D 101 -16.54 5.50 -6.91
C ASP D 101 -16.65 4.80 -5.57
N ASP D 102 -17.86 4.77 -5.00
CA ASP D 102 -18.05 4.09 -3.72
C ASP D 102 -17.70 2.60 -3.84
N VAL D 103 -18.03 2.00 -4.99
CA VAL D 103 -17.77 0.58 -5.21
C VAL D 103 -16.27 0.37 -5.16
N ARG D 104 -15.54 1.09 -6.00
CA ARG D 104 -14.08 1.04 -6.04
C ARG D 104 -13.49 1.33 -4.66
N ARG D 105 -14.01 2.36 -4.01
CA ARG D 105 -13.52 2.80 -2.71
C ARG D 105 -13.69 1.70 -1.66
N VAL D 106 -14.87 1.09 -1.60
CA VAL D 106 -15.04 -0.03 -0.70
C VAL D 106 -14.06 -1.17 -1.03
N PHE D 107 -13.93 -1.51 -2.32
CA PHE D 107 -13.05 -2.61 -2.71
C PHE D 107 -11.61 -2.34 -2.22
N SER D 109 -10.42 -0.24 0.02
CA SER D 109 -10.24 -0.17 1.45
C SER D 109 -10.39 -1.54 2.14
N ALA D 110 -10.98 -2.51 1.44
CA ALA D 110 -11.04 -3.87 1.98
C ALA D 110 -9.80 -4.68 1.65
N THR D 111 -9.27 -4.50 0.45
CA THR D 111 -8.17 -5.35 -0.02
C THR D 111 -6.81 -4.64 0.02
N GLY D 112 -6.80 -3.33 0.25
CA GLY D 112 -5.55 -2.56 0.26
C GLY D 112 -4.98 -2.28 -1.12
N ILE D 113 -5.55 -2.84 -2.17
CA ILE D 113 -4.97 -2.56 -3.49
C ILE D 113 -5.12 -1.07 -3.82
N SER D 114 -4.23 -0.57 -4.66
CA SER D 114 -4.25 0.85 -4.99
C SER D 114 -5.29 1.14 -6.06
N ARG D 115 -5.54 2.43 -6.27
CA ARG D 115 -6.47 2.89 -7.29
C ARG D 115 -6.04 2.44 -8.68
N GLY D 116 -4.76 2.61 -8.97
CA GLY D 116 -4.23 2.16 -10.25
C GLY D 116 -4.40 0.67 -10.40
N GLU D 117 -4.13 -0.08 -9.33
CA GLU D 117 -4.23 -1.53 -9.38
C GLU D 117 -5.67 -1.92 -9.69
N TYR D 118 -6.61 -1.35 -8.94
CA TYR D 118 -8.02 -1.58 -9.17
C TYR D 118 -8.42 -1.27 -10.62
N ASP D 119 -8.12 -0.05 -11.07
CA ASP D 119 -8.53 0.40 -12.40
C ASP D 119 -7.97 -0.50 -13.50
N ARG D 120 -6.74 -0.97 -13.34
CA ARG D 120 -6.16 -1.92 -14.29
C ARG D 120 -6.89 -3.27 -14.24
N SER D 121 -7.02 -3.83 -13.05
CA SER D 121 -7.51 -5.20 -12.89
C SER D 121 -9.01 -5.30 -13.12
N ILE D 122 -9.75 -4.26 -12.78
CA ILE D 122 -11.21 -4.31 -12.86
C ILE D 122 -11.69 -4.61 -14.29
N LYS D 123 -10.87 -4.26 -15.28
CA LYS D 123 -11.21 -4.46 -16.68
C LYS D 123 -10.25 -5.46 -17.36
N SER D 124 -9.58 -6.28 -16.58
CA SER D 124 -8.68 -7.26 -17.17
C SER D 124 -9.48 -8.43 -17.75
N PRO D 125 -8.90 -9.14 -18.73
CA PRO D 125 -9.46 -10.34 -19.34
C PRO D 125 -10.04 -11.35 -18.34
N ALA D 126 -9.28 -11.70 -17.31
CA ALA D 126 -9.76 -12.65 -16.30
C ALA D 126 -11.06 -12.18 -15.63
N VAL D 127 -11.13 -10.89 -15.32
CA VAL D 127 -12.31 -10.33 -14.69
C VAL D 127 -13.46 -10.23 -15.70
N ASN D 128 -13.15 -9.84 -16.92
CA ASN D 128 -14.14 -9.88 -18.01
C ASN D 128 -14.73 -11.28 -18.11
N ASP D 129 -13.87 -12.29 -18.06
CA ASP D 129 -14.35 -13.68 -18.12
C ASP D 129 -15.32 -13.99 -16.97
N VAL D 131 -17.13 -11.82 -15.10
CA VAL D 131 -18.37 -11.08 -15.34
C VAL D 131 -19.28 -11.92 -16.24
N ALA D 132 -18.74 -12.33 -17.40
CA ALA D 132 -19.49 -13.15 -18.36
C ALA D 132 -20.00 -14.45 -17.77
N LEU D 133 -19.16 -15.11 -16.97
CA LEU D 133 -19.56 -16.33 -16.30
C LEU D 133 -20.83 -16.12 -15.50
N GLN D 134 -20.83 -15.06 -14.70
CA GLN D 134 -21.93 -14.81 -13.78
C GLN D 134 -23.20 -14.51 -14.57
N GLU D 135 -23.08 -13.71 -15.62
CA GLU D 135 -24.24 -13.37 -16.41
C GLU D 135 -24.74 -14.56 -17.23
N ARG D 136 -23.82 -15.43 -17.66
CA ARG D 136 -24.19 -16.57 -18.47
C ARG D 136 -24.85 -17.60 -17.59
N LEU D 137 -24.28 -17.80 -16.40
CA LEU D 137 -24.79 -18.82 -15.51
C LEU D 137 -26.12 -18.40 -14.91
N PHE D 138 -26.38 -17.10 -14.88
CA PHE D 138 -27.65 -16.58 -14.42
C PHE D 138 -28.77 -17.17 -15.29
N LYS D 139 -28.53 -17.19 -16.59
CA LYS D 139 -29.49 -17.77 -17.53
C LYS D 139 -29.51 -19.30 -17.44
N GLU D 140 -28.34 -19.93 -17.57
CA GLU D 140 -28.26 -21.40 -17.56
C GLU D 140 -28.93 -22.06 -16.35
N TYR D 141 -28.86 -21.42 -15.19
CA TYR D 141 -29.48 -21.98 -13.99
C TYR D 141 -30.95 -21.57 -13.88
N GLY D 142 -31.39 -20.67 -14.76
CA GLY D 142 -32.77 -20.19 -14.77
C GLY D 142 -33.11 -19.43 -13.51
N VAL D 143 -32.18 -18.60 -13.05
CA VAL D 143 -32.32 -17.89 -11.77
C VAL D 143 -33.50 -16.92 -11.80
N ARG D 144 -34.35 -16.99 -10.79
CA ARG D 144 -35.53 -16.13 -10.75
C ARG D 144 -35.40 -15.02 -9.71
N GLY D 145 -34.80 -15.35 -8.57
CA GLY D 145 -34.53 -14.38 -7.53
C GLY D 145 -33.34 -14.78 -6.70
N THR D 146 -33.01 -13.95 -5.71
CA THR D 146 -31.89 -14.17 -4.81
C THR D 146 -32.37 -14.15 -3.37
N PRO D 147 -31.69 -14.88 -2.48
CA PRO D 147 -30.62 -15.80 -2.87
C PRO D 147 -31.19 -17.04 -3.52
N SER D 148 -30.42 -17.65 -4.41
CA SER D 148 -30.86 -18.83 -5.14
C SER D 148 -29.74 -19.87 -5.09
N VAL D 149 -29.95 -20.89 -4.29
CA VAL D 149 -28.96 -21.93 -4.05
C VAL D 149 -29.21 -23.16 -4.92
N TYR D 150 -28.18 -23.60 -5.65
CA TYR D 150 -28.28 -24.85 -6.40
C TYR D 150 -27.24 -25.88 -5.98
N VAL D 151 -27.61 -27.15 -6.06
CA VAL D 151 -26.70 -28.22 -5.71
C VAL D 151 -26.37 -29.08 -6.94
N ARG D 152 -25.07 -29.28 -7.18
CA ARG D 152 -24.55 -30.09 -8.30
C ARG D 152 -25.25 -29.83 -9.64
N GLY D 153 -25.55 -28.57 -9.93
CA GLY D 153 -26.15 -28.22 -11.19
C GLY D 153 -27.51 -28.84 -11.43
N ARG D 154 -27.99 -29.63 -10.48
CA ARG D 154 -29.26 -30.35 -10.63
C ARG D 154 -30.43 -29.74 -9.84
N TYR D 155 -30.18 -29.38 -8.58
CA TYR D 155 -31.25 -28.99 -7.66
C TYR D 155 -31.29 -27.51 -7.27
N HIS D 156 -32.49 -26.95 -7.25
CA HIS D 156 -32.73 -25.60 -6.75
C HIS D 156 -33.43 -25.69 -5.42
N ILE D 157 -32.87 -25.02 -4.42
CA ILE D 157 -33.47 -24.99 -3.09
C ILE D 157 -34.61 -23.98 -3.04
N ASN D 158 -35.73 -24.38 -2.44
CA ASN D 158 -36.84 -23.48 -2.21
C ASN D 158 -36.72 -22.87 -0.80
N ASN D 159 -36.15 -21.67 -0.74
CA ASN D 159 -35.94 -20.98 0.52
C ASN D 159 -37.21 -20.95 1.38
N ALA D 160 -38.34 -20.73 0.73
CA ALA D 160 -39.63 -20.58 1.42
C ALA D 160 -40.20 -21.89 1.93
N ALA D 161 -39.61 -23.01 1.51
CA ALA D 161 -40.10 -24.32 1.92
C ALA D 161 -39.63 -24.66 3.32
N PHE D 162 -38.87 -23.77 3.93
CA PHE D 162 -38.36 -24.02 5.28
C PHE D 162 -39.09 -23.17 6.32
N GLY D 163 -39.99 -23.81 7.05
CA GLY D 163 -40.68 -23.12 8.14
C GLY D 163 -39.86 -23.20 9.40
N ALA D 164 -39.53 -22.03 9.96
CA ALA D 164 -38.77 -22.00 11.21
C ALA D 164 -39.23 -20.86 12.07
N PHE D 165 -39.19 -21.07 13.38
CA PHE D 165 -39.44 -19.98 14.32
C PHE D 165 -38.12 -19.37 14.80
N SER D 166 -37.00 -19.97 14.42
CA SER D 166 -35.70 -19.48 14.87
C SER D 166 -34.65 -19.64 13.79
N VAL D 167 -33.65 -18.76 13.82
CA VAL D 167 -32.54 -18.83 12.89
C VAL D 167 -31.82 -20.19 12.98
N GLU D 168 -31.62 -20.70 14.19
CA GLU D 168 -30.94 -21.98 14.35
C GLU D 168 -31.65 -23.14 13.64
N ASN D 169 -32.98 -23.21 13.78
CA ASN D 169 -33.73 -24.28 13.13
C ASN D 169 -33.69 -24.13 11.61
N PHE D 170 -34.00 -22.93 11.15
CA PHE D 170 -33.94 -22.64 9.73
C PHE D 170 -32.56 -23.02 9.20
N ARG D 171 -31.52 -22.49 9.83
CA ARG D 171 -30.14 -22.79 9.44
C ARG D 171 -29.88 -24.29 9.35
N SER D 172 -30.29 -25.04 10.38
CA SER D 172 -30.10 -26.49 10.44
C SER D 172 -30.87 -27.28 9.38
N ARG D 173 -32.12 -26.89 9.13
CA ARG D 173 -32.93 -27.53 8.11
C ARG D 173 -32.46 -27.24 6.68
N TYR D 174 -31.85 -26.08 6.49
CA TYR D 174 -31.36 -25.68 5.18
C TYR D 174 -30.13 -26.53 4.84
N ALA D 175 -29.14 -26.50 5.72
CA ALA D 175 -27.94 -27.30 5.53
C ALA D 175 -28.27 -28.78 5.41
N ALA D 176 -29.19 -29.25 6.25
CA ALA D 176 -29.59 -30.66 6.26
C ALA D 176 -30.00 -31.13 4.88
N VAL D 177 -30.85 -30.36 4.21
CA VAL D 177 -31.30 -30.68 2.86
C VAL D 177 -30.16 -30.54 1.85
N VAL D 178 -29.25 -29.60 2.09
CA VAL D 178 -28.10 -29.47 1.21
C VAL D 178 -27.15 -30.65 1.42
N ARG D 179 -26.97 -31.07 2.67
CA ARG D 179 -26.15 -32.24 2.96
C ARG D 179 -26.73 -33.49 2.32
N LYS D 180 -28.04 -33.50 2.12
CA LYS D 180 -28.71 -34.66 1.54
C LYS D 180 -28.52 -34.68 0.02
N LEU D 181 -28.80 -33.56 -0.63
CA LEU D 181 -28.73 -33.50 -2.08
C LEU D 181 -27.29 -33.64 -2.55
N LEU D 182 -26.34 -33.44 -1.65
CA LEU D 182 -24.92 -33.62 -1.95
C LEU D 182 -24.50 -35.07 -1.71
N ALA D 183 -25.40 -35.86 -1.14
CA ALA D 183 -25.11 -37.26 -0.83
C ALA D 183 -24.63 -37.98 -2.09
N GLY D 184 -23.45 -38.60 -2.01
CA GLY D 184 -22.87 -39.29 -3.14
C GLY D 184 -22.07 -40.51 -2.72
N GLU E 4 23.62 16.25 -8.08
CA GLU E 4 23.76 17.55 -8.75
C GLU E 4 23.64 17.40 -10.26
N TRP E 5 22.74 18.19 -10.85
CA TRP E 5 22.49 18.16 -12.28
C TRP E 5 22.47 19.60 -12.79
N GLU E 6 22.25 19.77 -14.08
CA GLU E 6 22.21 21.10 -14.68
C GLU E 6 21.41 21.11 -15.98
N SER E 7 20.59 22.15 -16.16
CA SER E 7 19.84 22.31 -17.40
C SER E 7 20.77 22.50 -18.60
N ILE E 8 20.41 21.88 -19.72
CA ILE E 8 21.17 22.04 -20.95
C ILE E 8 20.54 23.12 -21.82
N THR E 9 21.38 23.86 -22.56
CA THR E 9 20.90 25.02 -23.31
C THR E 9 21.53 25.16 -24.69
N PRO E 10 20.69 25.15 -25.73
CA PRO E 10 19.26 24.88 -25.59
C PRO E 10 19.00 23.39 -25.41
N PRO E 11 17.87 23.04 -24.77
CA PRO E 11 17.47 21.63 -24.58
C PRO E 11 17.26 20.93 -25.91
N VAL E 12 17.42 19.62 -25.91
CA VAL E 12 17.24 18.82 -27.11
C VAL E 12 15.80 18.34 -27.20
N VAL E 13 15.11 18.77 -28.25
CA VAL E 13 13.72 18.36 -28.48
C VAL E 13 13.65 16.89 -28.86
N ASP E 14 12.52 16.25 -28.53
CA ASP E 14 12.28 14.85 -28.90
C ASP E 14 13.52 13.99 -28.74
N ALA E 15 13.96 13.80 -27.49
CA ALA E 15 15.13 13.00 -27.19
C ALA E 15 14.78 11.86 -26.25
N PRO E 16 15.59 10.78 -26.27
CA PRO E 16 15.36 9.64 -25.37
C PRO E 16 15.29 10.06 -23.90
N ALA E 17 14.70 9.24 -23.06
CA ALA E 17 14.62 9.54 -21.63
C ALA E 17 16.01 9.74 -21.00
N VAL E 18 16.98 8.93 -21.43
CA VAL E 18 18.34 9.04 -20.90
C VAL E 18 19.40 8.72 -21.96
N VAL E 19 20.42 9.56 -22.03
CA VAL E 19 21.55 9.32 -22.91
C VAL E 19 22.85 9.40 -22.12
N GLU E 20 23.75 8.44 -22.32
CA GLU E 20 25.16 8.62 -21.95
C GLU E 20 26.00 8.67 -23.21
N PHE E 21 26.61 9.82 -23.47
CA PHE E 21 27.68 9.87 -24.43
C PHE E 21 28.84 9.13 -23.76
N PHE E 22 29.49 8.24 -24.50
CA PHE E 22 30.53 7.38 -23.94
C PHE E 22 31.66 7.15 -24.93
N SER E 23 32.68 6.43 -24.49
CA SER E 23 33.82 6.11 -25.32
C SER E 23 34.50 4.84 -24.80
N PHE E 24 35.00 4.02 -25.71
CA PHE E 24 35.75 2.84 -25.32
C PHE E 24 37.21 3.19 -25.06
N TYR E 25 37.49 4.49 -24.96
CA TYR E 25 38.81 4.99 -24.62
C TYR E 25 38.76 5.70 -23.28
N CYS E 26 37.58 5.66 -22.67
N CYS E 26 37.57 5.67 -22.68
CA CYS E 26 37.33 6.40 -21.44
CA CYS E 26 37.35 6.40 -21.44
C CYS E 26 37.14 5.49 -20.23
C CYS E 26 37.16 5.47 -20.24
N PRO E 27 38.00 5.67 -19.21
CA PRO E 27 38.03 4.83 -18.00
C PRO E 27 36.75 4.77 -17.16
N PRO E 28 36.26 5.91 -16.63
CA PRO E 28 35.02 5.90 -15.84
C PRO E 28 33.80 5.50 -16.65
N CYS E 29 33.96 5.49 -17.96
N CYS E 29 33.95 5.48 -17.97
CA CYS E 29 32.96 4.89 -18.84
CA CYS E 29 32.94 4.89 -18.82
C CYS E 29 32.99 3.38 -18.63
C CYS E 29 32.99 3.37 -18.65
N TYR E 30 34.20 2.82 -18.67
CA TYR E 30 34.38 1.38 -18.49
C TYR E 30 33.77 0.96 -17.17
N ALA E 31 34.15 1.66 -16.11
CA ALA E 31 33.53 1.47 -14.80
C ALA E 31 32.00 1.67 -14.81
N PHE E 32 31.54 2.81 -15.31
CA PHE E 32 30.11 3.13 -15.36
C PHE E 32 29.29 1.95 -15.92
N SER E 33 29.79 1.38 -17.01
CA SER E 33 29.08 0.35 -17.75
C SER E 33 29.43 -1.11 -17.41
N GLN E 34 30.64 -1.36 -16.91
CA GLN E 34 31.11 -2.74 -16.80
C GLN E 34 31.63 -3.13 -15.41
N THR E 35 31.80 -2.17 -14.53
CA THR E 35 32.40 -2.43 -13.21
C THR E 35 31.48 -2.15 -12.04
N GLY E 37 28.24 -0.94 -12.54
CA GLY E 37 26.88 -1.16 -12.97
C GLY E 37 26.02 0.10 -12.94
N VAL E 38 26.58 1.21 -13.40
CA VAL E 38 25.86 2.48 -13.40
C VAL E 38 24.70 2.45 -14.39
N ASP E 39 25.03 2.20 -15.65
CA ASP E 39 24.04 2.15 -16.71
C ASP E 39 22.92 1.19 -16.34
N GLN E 40 23.30 0.09 -15.70
CA GLN E 40 22.37 -0.93 -15.25
C GLN E 40 21.39 -0.34 -14.25
N ALA E 41 21.92 0.42 -13.31
CA ALA E 41 21.12 1.00 -12.25
C ALA E 41 20.23 2.13 -12.76
N ILE E 42 20.62 2.72 -13.88
CA ILE E 42 19.84 3.79 -14.49
C ILE E 42 18.70 3.22 -15.35
N ARG E 43 18.99 2.13 -16.05
CA ARG E 43 17.92 1.45 -16.77
C ARG E 43 16.82 1.03 -15.80
N HIS E 44 17.22 0.61 -14.60
CA HIS E 44 16.27 0.15 -13.60
C HIS E 44 15.31 1.25 -13.11
N VAL E 45 15.70 2.50 -13.26
CA VAL E 45 14.83 3.61 -12.85
C VAL E 45 14.03 4.16 -14.03
N LEU E 46 14.21 3.54 -15.20
CA LEU E 46 13.47 3.93 -16.39
C LEU E 46 12.00 3.55 -16.31
N PRO E 47 11.10 4.52 -16.56
CA PRO E 47 9.67 4.24 -16.62
C PRO E 47 9.35 3.44 -17.87
N GLN E 48 8.29 2.62 -17.84
CA GLN E 48 7.89 1.87 -19.02
C GLN E 48 7.61 2.81 -20.19
N GLY E 49 8.20 2.51 -21.34
CA GLY E 49 8.05 3.34 -22.52
C GLY E 49 9.21 4.31 -22.72
N SER E 50 9.96 4.54 -21.64
CA SER E 50 11.15 5.38 -21.69
C SER E 50 12.38 4.55 -22.02
N ARG E 51 13.47 5.21 -22.38
CA ARG E 51 14.67 4.49 -22.76
C ARG E 51 15.95 5.14 -22.28
N VAL E 53 19.71 5.54 -24.20
CA VAL E 53 20.60 5.29 -25.34
C VAL E 53 21.96 5.92 -25.08
N LYS E 54 23.01 5.25 -25.55
CA LYS E 54 24.37 5.77 -25.46
C LYS E 54 24.91 6.09 -26.84
N TYR E 55 25.69 7.16 -26.91
CA TYR E 55 26.32 7.55 -28.16
C TYR E 55 27.82 7.58 -27.98
N HIS E 56 28.55 6.98 -28.93
CA HIS E 56 30.00 6.98 -28.86
C HIS E 56 30.54 8.38 -29.09
N VAL E 57 31.77 8.62 -28.67
CA VAL E 57 32.41 9.92 -28.83
C VAL E 57 33.76 9.76 -29.54
N SER E 58 33.90 10.40 -30.70
CA SER E 58 34.99 10.13 -31.63
C SER E 58 36.36 10.69 -31.24
N LEU E 59 36.38 11.72 -30.41
CA LEU E 59 37.62 12.46 -30.19
C LEU E 59 38.61 11.79 -29.23
N LEU E 60 38.21 10.70 -28.60
CA LEU E 60 39.10 9.99 -27.67
C LEU E 60 39.97 8.96 -28.38
N GLY E 61 41.27 9.00 -28.09
CA GLY E 61 42.20 7.98 -28.56
C GLY E 61 42.36 7.84 -30.06
N PRO E 62 43.19 6.87 -30.48
CA PRO E 62 43.44 6.61 -31.91
C PRO E 62 42.17 6.36 -32.73
N LEU E 63 41.54 5.20 -32.53
CA LEU E 63 40.45 4.74 -33.39
C LEU E 63 39.10 5.38 -33.08
N GLY E 64 39.13 6.58 -32.50
CA GLY E 64 37.92 7.27 -32.06
C GLY E 64 36.77 7.24 -33.04
N HIS E 65 37.04 7.59 -34.30
CA HIS E 65 36.03 7.58 -35.34
C HIS E 65 35.76 6.15 -35.82
N GLU E 66 36.81 5.34 -35.84
CA GLU E 66 36.68 3.95 -36.26
C GLU E 66 35.74 3.19 -35.32
N LEU E 67 35.82 3.49 -34.02
CA LEU E 67 34.90 2.90 -33.07
C LEU E 67 33.49 3.49 -33.19
N THR E 68 33.41 4.80 -33.47
CA THR E 68 32.13 5.51 -33.50
C THR E 68 31.26 5.06 -34.67
N ARG E 69 31.89 4.64 -35.76
CA ARG E 69 31.17 4.07 -36.89
C ARG E 69 30.87 2.60 -36.62
N ALA E 70 31.77 1.93 -35.91
CA ALA E 70 31.58 0.53 -35.53
C ALA E 70 30.33 0.43 -34.67
N TRP E 71 30.21 1.35 -33.73
CA TRP E 71 29.07 1.41 -32.81
C TRP E 71 27.77 1.78 -33.53
N ALA E 72 27.83 2.75 -34.43
CA ALA E 72 26.64 3.12 -35.21
C ALA E 72 26.13 1.86 -35.86
N LEU E 73 27.06 1.09 -36.42
CA LEU E 73 26.77 -0.20 -37.01
C LEU E 73 26.06 -1.13 -36.03
N ALA E 74 26.50 -1.12 -34.78
CA ALA E 74 25.88 -1.94 -33.74
C ALA E 74 24.47 -1.46 -33.38
N VAL E 76 22.53 0.04 -35.56
CA VAL E 76 21.78 -0.35 -36.76
C VAL E 76 21.47 -1.84 -36.77
N LYS E 78 21.16 -3.54 -33.62
CA LYS E 78 20.75 -3.86 -32.25
C LYS E 78 21.69 -4.90 -31.63
N GLU E 79 22.99 -4.67 -31.80
CA GLU E 79 24.03 -5.54 -31.24
C GLU E 79 24.90 -4.71 -30.30
N THR E 80 24.25 -3.94 -29.44
CA THR E 80 24.93 -2.90 -28.67
C THR E 80 25.41 -3.35 -27.28
N ASP E 81 24.53 -3.99 -26.53
CA ASP E 81 24.82 -4.41 -25.15
C ASP E 81 25.78 -5.61 -25.16
N VAL E 82 26.29 -5.92 -26.35
CA VAL E 82 27.12 -7.10 -26.53
C VAL E 82 28.45 -6.69 -27.15
N ILE E 83 28.42 -5.66 -27.99
CA ILE E 83 29.64 -5.12 -28.57
C ILE E 83 30.15 -3.98 -27.68
N GLU E 84 29.38 -3.63 -26.66
CA GLU E 84 29.88 -2.72 -25.66
C GLU E 84 30.83 -3.47 -24.71
N LYS E 85 30.37 -4.58 -24.14
CA LYS E 85 31.25 -5.39 -23.31
C LYS E 85 32.45 -5.83 -24.14
N ALA E 86 32.19 -6.25 -25.36
CA ALA E 86 33.24 -6.73 -26.25
C ALA E 86 34.35 -5.71 -26.53
N PHE E 87 34.21 -4.49 -26.00
CA PHE E 87 35.18 -3.43 -26.28
C PHE E 87 35.77 -2.73 -25.07
N PHE E 88 35.09 -2.81 -23.93
CA PHE E 88 35.76 -2.52 -22.66
C PHE E 88 36.61 -3.75 -22.42
N THR E 89 36.46 -4.72 -23.33
CA THR E 89 37.11 -6.01 -23.24
C THR E 89 38.32 -6.12 -24.17
N ALA E 90 38.21 -5.56 -25.37
CA ALA E 90 39.33 -5.57 -26.31
C ALA E 90 40.25 -4.39 -26.06
N GLY E 91 39.91 -3.60 -25.03
CA GLY E 91 40.72 -2.47 -24.63
C GLY E 91 41.19 -2.53 -23.18
N VAL E 93 40.51 -4.55 -20.90
CA VAL E 93 40.65 -5.89 -20.35
C VAL E 93 41.85 -6.71 -20.89
N GLU E 94 42.09 -6.67 -22.20
CA GLU E 94 43.25 -7.36 -22.77
C GLU E 94 44.28 -6.37 -23.32
N LYS E 95 43.91 -5.09 -23.32
CA LYS E 95 44.82 -4.03 -23.69
C LYS E 95 45.41 -4.25 -25.08
N ARG E 96 44.53 -4.34 -26.07
CA ARG E 96 44.93 -4.57 -27.46
C ARG E 96 43.92 -4.04 -28.45
N LEU E 97 43.64 -2.73 -28.38
CA LEU E 97 42.78 -2.07 -29.37
C LEU E 97 43.53 -0.91 -30.01
N HIS E 98 44.17 -1.19 -31.15
CA HIS E 98 45.17 -0.28 -31.69
C HIS E 98 44.99 0.06 -33.19
N SER E 99 44.52 -0.91 -33.97
CA SER E 99 44.41 -0.73 -35.42
C SER E 99 42.96 -0.82 -35.94
N PRO E 100 42.67 -0.13 -37.05
CA PRO E 100 41.34 -0.13 -37.66
C PRO E 100 40.88 -1.52 -38.15
N ASP E 101 41.65 -2.55 -37.83
CA ASP E 101 41.25 -3.91 -38.18
C ASP E 101 40.90 -4.73 -36.95
N ASP E 102 41.40 -4.30 -35.79
CA ASP E 102 40.97 -4.90 -34.52
C ASP E 102 39.49 -4.60 -34.30
N VAL E 103 39.10 -3.36 -34.59
CA VAL E 103 37.71 -2.94 -34.59
C VAL E 103 36.93 -3.92 -35.48
N ARG E 104 37.17 -3.85 -36.78
CA ARG E 104 36.60 -4.79 -37.74
C ARG E 104 36.63 -6.23 -37.22
N ARG E 105 37.79 -6.65 -36.73
CA ARG E 105 37.98 -8.02 -36.23
C ARG E 105 37.08 -8.38 -35.05
N VAL E 106 37.19 -7.62 -33.95
CA VAL E 106 36.37 -7.86 -32.78
C VAL E 106 34.86 -7.79 -33.09
N PHE E 107 34.45 -6.74 -33.79
CA PHE E 107 33.05 -6.60 -34.17
C PHE E 107 32.51 -7.92 -34.71
N SER E 109 33.80 -11.32 -34.78
CA SER E 109 33.86 -12.57 -34.02
C SER E 109 32.68 -12.74 -33.07
N ALA E 110 32.00 -11.65 -32.76
CA ALA E 110 30.96 -11.63 -31.73
C ALA E 110 29.56 -11.23 -32.21
N THR E 111 29.37 -11.10 -33.52
CA THR E 111 28.02 -10.87 -34.07
C THR E 111 27.58 -11.98 -35.02
N GLY E 112 28.32 -13.09 -35.01
CA GLY E 112 28.06 -14.18 -35.93
C GLY E 112 28.39 -13.80 -37.36
N ILE E 113 28.45 -12.49 -37.60
CA ILE E 113 28.67 -11.94 -38.92
C ILE E 113 30.04 -12.31 -39.49
N SER E 114 30.09 -12.41 -40.82
CA SER E 114 31.31 -12.77 -41.52
C SER E 114 32.18 -11.55 -41.80
N ARG E 115 33.28 -11.79 -42.52
CA ARG E 115 34.26 -10.75 -42.81
C ARG E 115 33.76 -9.84 -43.93
N GLY E 116 32.87 -10.37 -44.75
CA GLY E 116 32.44 -9.68 -45.97
C GLY E 116 31.22 -8.80 -45.82
N GLU E 117 30.17 -9.31 -45.17
CA GLU E 117 28.98 -8.52 -44.94
C GLU E 117 29.35 -7.26 -44.15
N TYR E 118 30.40 -7.36 -43.35
CA TYR E 118 30.85 -6.23 -42.53
C TYR E 118 31.33 -5.05 -43.36
N ASP E 119 32.31 -5.30 -44.22
CA ASP E 119 32.87 -4.25 -45.06
C ASP E 119 31.80 -3.60 -45.94
N ARG E 120 30.60 -4.16 -45.89
CA ARG E 120 29.48 -3.66 -46.69
C ARG E 120 28.56 -2.76 -45.86
N SER E 121 28.46 -3.04 -44.56
CA SER E 121 27.57 -2.29 -43.67
C SER E 121 28.24 -1.04 -43.08
N ILE E 122 29.54 -1.14 -42.81
CA ILE E 122 30.28 -0.04 -42.19
C ILE E 122 30.03 1.31 -42.87
N LYS E 123 30.10 1.32 -44.19
CA LYS E 123 29.86 2.55 -44.95
C LYS E 123 28.50 2.52 -45.65
N SER E 124 27.51 1.95 -44.97
CA SER E 124 26.15 1.85 -45.51
C SER E 124 25.33 3.10 -45.24
N PRO E 125 24.27 3.32 -46.03
CA PRO E 125 23.40 4.49 -45.85
C PRO E 125 22.78 4.55 -44.45
N ALA E 126 22.66 3.41 -43.78
CA ALA E 126 22.03 3.36 -42.46
C ALA E 126 23.00 3.68 -41.34
N VAL E 127 24.21 3.13 -41.42
CA VAL E 127 25.24 3.39 -40.42
C VAL E 127 25.79 4.80 -40.57
N ASN E 128 25.79 5.31 -41.79
CA ASN E 128 26.19 6.69 -42.08
C ASN E 128 25.32 7.69 -41.34
N ASP E 129 24.00 7.45 -41.34
CA ASP E 129 23.06 8.30 -40.64
C ASP E 129 23.29 8.28 -39.12
N VAL E 131 26.20 7.51 -37.59
CA VAL E 131 27.44 8.24 -37.35
C VAL E 131 27.17 9.73 -37.31
N ALA E 132 26.61 10.26 -38.40
CA ALA E 132 26.24 11.66 -38.48
C ALA E 132 25.43 12.07 -37.27
N LEU E 133 24.48 11.22 -36.89
CA LEU E 133 23.67 11.46 -35.72
C LEU E 133 24.55 11.70 -34.51
N GLN E 134 25.48 10.79 -34.26
CA GLN E 134 26.37 10.88 -33.12
C GLN E 134 27.24 12.15 -33.14
N GLU E 135 27.77 12.49 -34.32
CA GLU E 135 28.56 13.70 -34.46
C GLU E 135 27.69 14.92 -34.17
N ARG E 136 26.51 14.94 -34.77
CA ARG E 136 25.57 16.04 -34.65
C ARG E 136 25.13 16.26 -33.20
N LEU E 137 24.61 15.21 -32.59
CA LEU E 137 24.09 15.28 -31.22
C LEU E 137 25.20 15.62 -30.22
N PHE E 138 26.43 15.24 -30.53
CA PHE E 138 27.57 15.59 -29.68
C PHE E 138 27.70 17.10 -29.53
N LYS E 139 27.20 17.85 -30.51
CA LYS E 139 27.19 19.30 -30.40
C LYS E 139 25.89 19.85 -29.79
N GLU E 140 24.78 19.17 -30.05
CA GLU E 140 23.47 19.61 -29.52
C GLU E 140 23.35 19.52 -28.00
N TYR E 141 24.04 18.54 -27.41
CA TYR E 141 24.00 18.33 -25.97
C TYR E 141 25.06 19.12 -25.20
N GLY E 142 26.03 19.68 -25.93
CA GLY E 142 27.11 20.44 -25.33
C GLY E 142 28.06 19.58 -24.51
N VAL E 143 28.50 18.47 -25.10
CA VAL E 143 29.38 17.54 -24.42
C VAL E 143 30.79 18.09 -24.30
N ARG E 144 31.32 18.12 -23.08
CA ARG E 144 32.72 18.53 -22.89
C ARG E 144 33.55 17.34 -22.44
N GLY E 145 32.91 16.19 -22.28
CA GLY E 145 33.63 14.98 -21.93
C GLY E 145 32.75 13.76 -21.74
N THR E 146 33.37 12.62 -21.51
CA THR E 146 32.65 11.40 -21.15
C THR E 146 33.22 10.83 -19.85
N PRO E 147 32.38 10.19 -19.02
CA PRO E 147 30.95 9.91 -19.25
C PRO E 147 30.10 11.15 -19.10
N SER E 148 29.08 11.30 -19.94
CA SER E 148 28.21 12.46 -19.89
C SER E 148 26.78 12.01 -20.06
N VAL E 149 25.99 12.10 -18.99
CA VAL E 149 24.63 11.58 -19.02
C VAL E 149 23.58 12.70 -19.02
N TYR E 150 22.60 12.59 -19.93
CA TYR E 150 21.55 13.61 -20.07
C TYR E 150 20.16 13.02 -19.90
N VAL E 151 19.35 13.68 -19.06
CA VAL E 151 18.00 13.21 -18.78
C VAL E 151 16.97 14.12 -19.46
N ARG E 152 16.07 13.51 -20.24
CA ARG E 152 14.97 14.20 -20.90
C ARG E 152 15.41 15.34 -21.84
N GLY E 153 16.67 15.30 -22.26
CA GLY E 153 17.21 16.33 -23.14
C GLY E 153 17.26 17.69 -22.47
N ARG E 154 17.39 17.68 -21.15
CA ARG E 154 17.27 18.89 -20.35
C ARG E 154 18.27 18.98 -19.21
N TYR E 155 18.63 17.84 -18.63
CA TYR E 155 19.42 17.85 -17.40
C TYR E 155 20.69 17.00 -17.54
N HIS E 156 21.84 17.66 -17.50
CA HIS E 156 23.13 16.97 -17.52
C HIS E 156 23.52 16.59 -16.10
N ILE E 157 23.80 15.31 -15.90
CA ILE E 157 24.23 14.86 -14.58
C ILE E 157 25.68 15.28 -14.34
N ASN E 158 25.94 15.88 -13.18
CA ASN E 158 27.30 16.25 -12.80
C ASN E 158 27.94 15.12 -11.98
N ASN E 159 28.83 14.36 -12.62
CA ASN E 159 29.44 13.18 -12.01
C ASN E 159 30.20 13.45 -10.71
N ALA E 160 30.98 14.54 -10.69
CA ALA E 160 31.82 14.86 -9.53
C ALA E 160 31.04 15.33 -8.30
N ALA E 161 29.73 15.47 -8.46
CA ALA E 161 28.91 16.02 -7.39
C ALA E 161 28.25 14.94 -6.56
N PHE E 162 28.75 13.72 -6.67
CA PHE E 162 28.32 12.64 -5.79
C PHE E 162 29.51 12.18 -4.96
N GLY E 163 29.31 12.10 -3.65
CA GLY E 163 30.37 11.69 -2.75
C GLY E 163 30.13 10.30 -2.18
N ALA E 164 30.94 9.34 -2.63
CA ALA E 164 30.77 7.97 -2.18
C ALA E 164 32.11 7.28 -1.96
N PHE E 165 32.24 6.63 -0.81
CA PHE E 165 33.42 5.84 -0.49
C PHE E 165 33.32 4.47 -1.16
N SER E 166 32.10 4.07 -1.49
CA SER E 166 31.88 2.77 -2.14
C SER E 166 30.94 2.90 -3.33
N VAL E 167 31.16 2.07 -4.33
CA VAL E 167 30.26 1.96 -5.47
C VAL E 167 28.79 2.05 -5.03
N GLU E 168 28.34 1.06 -4.25
CA GLU E 168 26.92 0.93 -3.88
C GLU E 168 26.29 2.27 -3.55
N ASN E 169 27.02 3.11 -2.81
CA ASN E 169 26.55 4.44 -2.50
C ASN E 169 26.48 5.29 -3.77
N PHE E 170 27.63 5.53 -4.38
CA PHE E 170 27.72 6.27 -5.63
C PHE E 170 26.59 5.92 -6.62
N ARG E 171 26.55 4.67 -7.04
CA ARG E 171 25.58 4.19 -8.01
C ARG E 171 24.18 4.67 -7.65
N SER E 172 23.81 4.46 -6.40
CA SER E 172 22.42 4.56 -6.02
C SER E 172 22.02 6.00 -5.84
N ARG E 173 22.95 6.82 -5.35
CA ARG E 173 22.72 8.25 -5.21
C ARG E 173 22.71 8.86 -6.60
N TYR E 174 23.64 8.38 -7.42
CA TYR E 174 23.69 8.72 -8.83
C TYR E 174 22.37 8.33 -9.52
N ALA E 175 21.87 7.14 -9.19
CA ALA E 175 20.64 6.60 -9.75
C ALA E 175 19.36 7.28 -9.26
N ALA E 176 19.31 7.63 -7.98
CA ALA E 176 18.13 8.23 -7.39
C ALA E 176 17.94 9.64 -7.94
N VAL E 177 19.02 10.23 -8.43
CA VAL E 177 18.95 11.56 -9.02
C VAL E 177 18.37 11.48 -10.41
N VAL E 178 18.84 10.51 -11.19
CA VAL E 178 18.27 10.26 -12.51
C VAL E 178 16.78 9.92 -12.35
N ARG E 179 16.48 9.07 -11.39
CA ARG E 179 15.10 8.70 -11.08
C ARG E 179 14.25 9.94 -10.84
N LYS E 180 14.73 10.81 -9.95
CA LYS E 180 14.05 12.06 -9.67
C LYS E 180 13.74 12.83 -10.94
N LEU E 181 14.77 13.00 -11.80
CA LEU E 181 14.68 13.85 -12.98
C LEU E 181 13.88 13.21 -14.11
N LEU E 182 13.52 11.93 -13.92
CA LEU E 182 12.71 11.21 -14.88
C LEU E 182 11.24 11.27 -14.49
N ALA E 183 10.97 11.87 -13.33
CA ALA E 183 9.62 11.94 -12.80
C ALA E 183 8.67 12.69 -13.74
N GLY E 184 7.37 12.40 -13.64
CA GLY E 184 6.39 13.08 -14.47
C GLY E 184 5.00 12.52 -14.32
#